data_9HEA
#
_entry.id   9HEA
#
_cell.length_a   271.504
_cell.length_b   74.713
_cell.length_c   106.253
_cell.angle_alpha   90.00
_cell.angle_beta   111.70
_cell.angle_gamma   90.00
#
_symmetry.space_group_name_H-M   'C 1 2 1'
#
loop_
_entity.id
_entity.type
_entity.pdbx_description
1 polymer 'Heme-thiolate peroxidase'
2 branched alpha-D-mannopyranose-(1-3)-[alpha-D-mannopyranose-(1-6)]beta-D-mannopyranose-(1-4)-2-acetamido-2-deoxy-beta-D-glucopyranose-(1-4)-2-acetamido-2-deoxy-beta-D-glucopyranose
3 branched alpha-D-mannopyranose-(1-3)-[alpha-D-mannopyranose-(1-6)]alpha-D-mannopyranose-(1-6)-[alpha-D-mannopyranose-(1-3)]beta-D-mannopyranose-(1-4)-2-acetamido-2-deoxy-beta-D-glucopyranose-(1-4)-2-acetamido-2-deoxy-beta-D-glucopyranose
4 branched alpha-D-mannopyranose-(1-3)-alpha-D-mannopyranose-(1-6)-[alpha-D-mannopyranose-(1-3)]beta-D-mannopyranose-(1-4)-2-acetamido-2-deoxy-beta-D-glucopyranose-(1-4)-2-acetamido-2-deoxy-beta-D-glucopyranose
5 branched alpha-D-mannopyranose-(1-3)-beta-D-mannopyranose-(1-4)-2-acetamido-2-deoxy-beta-D-glucopyranose-(1-4)-2-acetamido-2-deoxy-beta-D-glucopyranose
6 branched beta-D-mannopyranose-(1-4)-2-acetamido-2-deoxy-beta-D-glucopyranose-(1-4)-2-acetamido-2-deoxy-beta-D-glucopyranose
7 non-polymer 'PROTOPORPHYRIN IX CONTAINING FE'
8 non-polymer DODECANE
9 non-polymer '4-(2-HYDROXYETHYL)-1-PIPERAZINE ETHANESULFONIC ACID'
10 non-polymer GLYCEROL
11 non-polymer 'SULFATE ION'
12 non-polymer 'MAGNESIUM ION'
13 non-polymer 'ACETATE ION'
14 water water
#
_entity_poly.entity_id   1
_entity_poly.type   'polypeptide(L)'
_entity_poly.pdbx_seq_one_letter_code
;QGVDPPPPPGPPSFTGTKLVNDADHPWQPLREGDIRGPCPGLNTLASHGYLPRDGVATPAQIITATQEGFNFENNAAIVA
TYLGHLLNGNLVTDLLSIGGATPKTGPPPPPPAHAGGLNVHGTFEGDAGMTRADEFFGDNHSFNQTLFDKFVDFSNRYGG
GFYNLTVAGELRYSRIQDSIATNPEFQFKNVRFITAYGETVFPINLFVDGRVTTDRKLSMEDAASIFRDMRFPDDFHRSA
VPASNEGADQVLAAHPWVPGGNADNQVNNYVEDPDSADFTHLCRLYEFVVGSVQELYPNPTGILRRNLIKNLHYWWTGVN
VAFGGCDELFPYGQL
;
_entity_poly.pdbx_strand_id   A,B,C
#
loop_
_chem_comp.id
_chem_comp.type
_chem_comp.name
_chem_comp.formula
ACT non-polymer 'ACETATE ION' 'C2 H3 O2 -1'
BMA D-saccharide, beta linking beta-D-mannopyranose 'C6 H12 O6'
D12 non-polymer DODECANE 'C12 H26'
EPE non-polymer '4-(2-HYDROXYETHYL)-1-PIPERAZINE ETHANESULFONIC ACID' 'C8 H18 N2 O4 S'
GOL non-polymer GLYCEROL 'C3 H8 O3'
HEM non-polymer 'PROTOPORPHYRIN IX CONTAINING FE' 'C34 H32 Fe N4 O4'
MAN D-saccharide, alpha linking alpha-D-mannopyranose 'C6 H12 O6'
MG non-polymer 'MAGNESIUM ION' 'Mg 2'
NAG D-saccharide, beta linking 2-acetamido-2-deoxy-beta-D-glucopyranose 'C8 H15 N O6'
SO4 non-polymer 'SULFATE ION' 'O4 S -2'
#
# COMPACT_ATOMS: atom_id res chain seq x y z
N GLN A 1 -15.36 40.42 -24.93
CA GLN A 1 -14.60 41.69 -25.13
C GLN A 1 -13.78 42.08 -23.89
N GLY A 2 -14.19 41.62 -22.69
CA GLY A 2 -13.40 41.78 -21.46
C GLY A 2 -14.26 41.92 -20.20
N VAL A 3 -13.61 41.85 -19.04
CA VAL A 3 -14.26 41.85 -17.74
C VAL A 3 -13.67 43.00 -16.92
N ASP A 4 -14.45 43.56 -16.00
CA ASP A 4 -13.95 44.58 -15.07
C ASP A 4 -13.64 43.90 -13.74
N PRO A 5 -12.35 43.77 -13.33
CA PRO A 5 -11.97 42.94 -12.18
C PRO A 5 -12.27 43.54 -10.80
N PRO A 6 -13.04 42.85 -9.94
CA PRO A 6 -13.42 43.37 -8.63
C PRO A 6 -12.24 43.35 -7.68
N PRO A 7 -12.22 44.19 -6.62
CA PRO A 7 -11.15 44.13 -5.62
C PRO A 7 -11.25 42.82 -4.84
N PRO A 8 -10.15 42.35 -4.21
CA PRO A 8 -10.16 41.06 -3.54
C PRO A 8 -11.15 41.03 -2.38
N PRO A 9 -11.79 39.87 -2.13
CA PRO A 9 -12.57 39.67 -0.91
C PRO A 9 -11.71 39.94 0.31
N GLY A 10 -12.36 40.40 1.39
CA GLY A 10 -11.74 40.51 2.70
C GLY A 10 -11.81 39.17 3.45
N PRO A 11 -11.41 39.15 4.74
CA PRO A 11 -11.45 37.92 5.54
C PRO A 11 -12.88 37.39 5.64
N PRO A 12 -13.08 36.09 5.87
CA PRO A 12 -14.43 35.55 6.04
C PRO A 12 -15.06 36.05 7.35
N SER A 13 -16.39 36.19 7.36
CA SER A 13 -17.14 36.62 8.53
CA SER A 13 -17.13 36.62 8.54
C SER A 13 -16.86 35.69 9.71
N PHE A 14 -16.93 34.37 9.45
CA PHE A 14 -16.65 33.35 10.44
C PHE A 14 -15.25 32.82 10.24
N THR A 15 -14.41 32.82 11.30
CA THR A 15 -13.00 32.44 11.17
C THR A 15 -12.67 31.24 12.05
N GLY A 16 -13.67 30.52 12.57
CA GLY A 16 -13.41 29.35 13.41
C GLY A 16 -13.33 28.07 12.57
N THR A 17 -13.16 26.93 13.23
CA THR A 17 -13.14 25.65 12.54
C THR A 17 -14.55 25.33 12.09
N LYS A 18 -14.63 24.50 11.06
CA LYS A 18 -15.87 23.93 10.60
C LYS A 18 -15.55 22.73 9.70
N LEU A 19 -16.56 21.92 9.44
CA LEU A 19 -16.44 20.81 8.52
C LEU A 19 -16.39 21.38 7.11
N VAL A 20 -15.33 21.04 6.37
CA VAL A 20 -15.18 21.53 5.00
C VAL A 20 -15.42 20.40 4.01
N ASN A 21 -15.13 19.17 4.40
CA ASN A 21 -15.45 17.98 3.63
C ASN A 21 -16.90 17.59 3.90
N ASP A 22 -17.86 18.29 3.27
CA ASP A 22 -19.27 18.20 3.65
C ASP A 22 -20.08 17.80 2.43
N ALA A 23 -21.41 17.73 2.58
CA ALA A 23 -22.26 17.13 1.55
C ALA A 23 -22.24 17.96 0.27
N ASP A 24 -22.12 19.29 0.41
CA ASP A 24 -22.17 20.18 -0.73
C ASP A 24 -20.82 20.24 -1.45
N HIS A 25 -19.74 19.70 -0.85
CA HIS A 25 -18.41 19.76 -1.43
C HIS A 25 -17.81 18.36 -1.52
N PRO A 26 -18.47 17.43 -2.25
CA PRO A 26 -17.98 16.05 -2.35
C PRO A 26 -16.78 15.96 -3.27
N TRP A 27 -15.86 15.03 -2.98
CA TRP A 27 -14.81 14.71 -3.92
C TRP A 27 -15.44 14.08 -5.15
N GLN A 28 -14.95 14.47 -6.33
CA GLN A 28 -15.38 13.86 -7.57
C GLN A 28 -14.16 13.66 -8.47
N PRO A 29 -14.15 12.62 -9.33
CA PRO A 29 -13.05 12.40 -10.24
C PRO A 29 -13.00 13.44 -11.37
N LEU A 30 -11.82 13.55 -11.98
CA LEU A 30 -11.59 14.45 -13.10
C LEU A 30 -12.46 14.07 -14.28
N ARG A 31 -13.03 15.08 -14.95
CA ARG A 31 -13.60 14.87 -16.28
C ARG A 31 -12.64 15.37 -17.35
N GLU A 32 -12.95 15.05 -18.59
CA GLU A 32 -12.20 15.54 -19.74
C GLU A 32 -12.19 17.06 -19.67
N GLY A 33 -10.99 17.64 -19.74
CA GLY A 33 -10.82 19.07 -19.79
C GLY A 33 -10.44 19.67 -18.43
N ASP A 34 -10.65 18.93 -17.34
CA ASP A 34 -10.39 19.44 -16.00
C ASP A 34 -8.89 19.61 -15.83
N ILE A 35 -8.50 20.70 -15.15
CA ILE A 35 -7.10 21.09 -15.02
C ILE A 35 -6.66 20.98 -13.56
N ARG A 36 -5.48 20.40 -13.35
CA ARG A 36 -4.84 20.32 -12.04
C ARG A 36 -3.35 20.62 -12.22
N GLY A 37 -2.64 20.97 -11.15
CA GLY A 37 -1.33 21.54 -11.28
C GLY A 37 -0.44 21.26 -10.07
N PRO A 38 0.53 22.14 -9.78
CA PRO A 38 1.51 21.88 -8.73
C PRO A 38 1.10 22.19 -7.30
N CYS A 39 -0.09 22.81 -7.11
CA CYS A 39 -0.56 23.17 -5.78
C CYS A 39 -1.57 22.14 -5.27
N PRO A 40 -1.23 21.39 -4.21
CA PRO A 40 -2.16 20.44 -3.59
C PRO A 40 -3.35 21.14 -2.93
N GLY A 41 -3.16 22.38 -2.49
CA GLY A 41 -4.24 23.17 -1.90
C GLY A 41 -5.34 23.45 -2.92
N LEU A 42 -4.96 24.12 -4.00
CA LEU A 42 -5.93 24.48 -5.03
C LEU A 42 -6.48 23.21 -5.68
N ASN A 43 -5.63 22.17 -5.81
CA ASN A 43 -6.06 20.93 -6.43
C ASN A 43 -7.22 20.32 -5.65
N THR A 44 -7.08 20.29 -4.32
CA THR A 44 -8.09 19.69 -3.47
C THR A 44 -9.36 20.54 -3.49
N LEU A 45 -9.20 21.87 -3.47
CA LEU A 45 -10.35 22.75 -3.51
C LEU A 45 -11.14 22.55 -4.80
N ALA A 46 -10.46 22.34 -5.92
CA ALA A 46 -11.15 22.09 -7.18
C ALA A 46 -11.83 20.73 -7.18
N SER A 47 -11.15 19.71 -6.67
CA SER A 47 -11.72 18.36 -6.70
C SER A 47 -12.87 18.19 -5.71
N HIS A 48 -13.07 19.14 -4.80
CA HIS A 48 -14.20 19.14 -3.89
C HIS A 48 -15.23 20.24 -4.22
N GLY A 49 -15.03 20.97 -5.32
CA GLY A 49 -16.02 21.95 -5.75
C GLY A 49 -16.01 23.28 -4.98
N TYR A 50 -14.96 23.57 -4.20
CA TYR A 50 -14.79 24.90 -3.64
C TYR A 50 -14.35 25.89 -4.72
N LEU A 51 -13.50 25.43 -5.64
CA LEU A 51 -13.24 26.11 -6.90
C LEU A 51 -14.07 25.43 -7.98
N PRO A 52 -14.26 26.07 -9.16
CA PRO A 52 -14.77 25.35 -10.32
C PRO A 52 -13.95 24.08 -10.55
N ARG A 53 -14.65 22.98 -10.88
CA ARG A 53 -14.06 21.65 -10.91
C ARG A 53 -13.10 21.50 -12.09
N ASP A 54 -13.21 22.41 -13.06
CA ASP A 54 -12.36 22.38 -14.24
C ASP A 54 -11.01 23.04 -13.94
N GLY A 55 -10.86 23.65 -12.75
CA GLY A 55 -9.54 24.11 -12.32
C GLY A 55 -9.15 25.44 -12.96
N VAL A 56 -10.17 26.19 -13.43
CA VAL A 56 -9.99 27.53 -13.95
C VAL A 56 -10.92 28.46 -13.18
N ALA A 57 -10.36 29.53 -12.61
CA ALA A 57 -11.12 30.39 -11.71
C ALA A 57 -10.64 31.83 -11.76
N THR A 58 -11.46 32.73 -11.21
CA THR A 58 -11.11 34.14 -11.04
C THR A 58 -10.25 34.26 -9.79
N PRO A 59 -9.40 35.29 -9.67
CA PRO A 59 -8.74 35.62 -8.42
C PRO A 59 -9.66 35.63 -7.19
N ALA A 60 -10.82 36.30 -7.32
CA ALA A 60 -11.75 36.39 -6.21
C ALA A 60 -12.22 34.99 -5.78
N GLN A 61 -12.52 34.11 -6.74
CA GLN A 61 -12.96 32.77 -6.41
C GLN A 61 -11.86 31.98 -5.69
N ILE A 62 -10.61 32.18 -6.09
CA ILE A 62 -9.49 31.49 -5.48
C ILE A 62 -9.33 31.96 -4.03
N ILE A 63 -9.48 33.25 -3.80
CA ILE A 63 -9.29 33.79 -2.46
C ILE A 63 -10.38 33.26 -1.55
N THR A 64 -11.64 33.34 -1.98
CA THR A 64 -12.75 32.92 -1.14
CA THR A 64 -12.75 32.91 -1.14
C THR A 64 -12.61 31.42 -0.88
N ALA A 65 -12.15 30.65 -1.88
CA ALA A 65 -12.02 29.20 -1.76
C ALA A 65 -10.95 28.79 -0.76
N THR A 66 -9.78 29.45 -0.79
CA THR A 66 -8.69 29.11 0.11
C THR A 66 -9.10 29.46 1.54
N GLN A 67 -9.89 30.52 1.68
CA GLN A 67 -10.40 30.93 2.99
C GLN A 67 -11.46 29.94 3.46
N GLU A 68 -12.46 29.66 2.64
CA GLU A 68 -13.56 28.79 3.04
C GLU A 68 -13.03 27.40 3.36
N GLY A 69 -12.15 26.88 2.50
CA GLY A 69 -11.77 25.49 2.54
C GLY A 69 -10.69 25.21 3.59
N PHE A 70 -9.80 26.18 3.83
CA PHE A 70 -8.60 25.89 4.62
C PHE A 70 -8.34 26.97 5.68
N ASN A 71 -9.12 28.06 5.65
CA ASN A 71 -8.87 29.21 6.51
C ASN A 71 -7.50 29.82 6.23
N PHE A 72 -7.09 29.86 4.96
CA PHE A 72 -5.88 30.56 4.58
C PHE A 72 -6.09 32.04 4.91
N GLU A 73 -5.10 32.68 5.52
CA GLU A 73 -5.24 34.06 5.94
C GLU A 73 -5.35 34.98 4.72
N ASN A 74 -6.24 35.98 4.84
CA ASN A 74 -6.67 36.85 3.75
C ASN A 74 -5.49 37.46 2.99
N ASN A 75 -4.53 38.04 3.72
CA ASN A 75 -3.43 38.76 3.08
CA ASN A 75 -3.42 38.76 3.09
C ASN A 75 -2.52 37.77 2.34
N ALA A 76 -2.32 36.59 2.93
CA ALA A 76 -1.50 35.57 2.31
C ALA A 76 -2.14 35.10 1.00
N ALA A 77 -3.47 34.94 1.04
CA ALA A 77 -4.24 34.56 -0.13
C ALA A 77 -4.13 35.62 -1.23
N ILE A 78 -4.15 36.90 -0.83
CA ILE A 78 -4.04 37.99 -1.79
C ILE A 78 -2.65 37.98 -2.42
N VAL A 79 -1.61 37.83 -1.59
CA VAL A 79 -0.24 37.87 -2.09
C VAL A 79 0.00 36.73 -3.07
N ALA A 80 -0.45 35.51 -2.76
CA ALA A 80 -0.25 34.36 -3.62
C ALA A 80 -1.10 34.45 -4.89
N THR A 81 -2.37 34.86 -4.76
CA THR A 81 -3.31 34.74 -5.87
C THR A 81 -2.93 35.72 -6.99
N TYR A 82 -2.64 36.98 -6.64
CA TYR A 82 -2.41 38.00 -7.65
C TYR A 82 -0.99 37.85 -8.22
N LEU A 83 -0.07 37.30 -7.44
CA LEU A 83 1.21 36.89 -7.99
C LEU A 83 0.99 35.90 -9.12
N GLY A 84 0.25 34.85 -8.83
CA GLY A 84 -0.04 33.82 -9.82
C GLY A 84 -0.79 34.39 -11.03
N HIS A 85 -1.73 35.29 -10.76
CA HIS A 85 -2.58 35.83 -11.81
C HIS A 85 -1.81 36.80 -12.72
N LEU A 86 -0.99 37.68 -12.13
CA LEU A 86 -0.22 38.63 -12.92
C LEU A 86 0.70 37.92 -13.90
N LEU A 87 1.39 36.88 -13.40
CA LEU A 87 2.39 36.16 -14.17
C LEU A 87 1.77 35.14 -15.12
N ASN A 88 0.70 34.46 -14.70
CA ASN A 88 0.26 33.24 -15.36
C ASN A 88 -1.22 33.23 -15.77
N GLY A 89 -1.95 34.30 -15.47
CA GLY A 89 -3.37 34.34 -15.76
C GLY A 89 -3.69 35.27 -16.94
N ASN A 90 -4.97 35.26 -17.34
CA ASN A 90 -5.45 36.12 -18.41
C ASN A 90 -6.14 37.33 -17.78
N LEU A 91 -5.52 38.50 -17.90
CA LEU A 91 -5.95 39.68 -17.17
C LEU A 91 -7.21 40.29 -17.77
N VAL A 92 -7.51 39.96 -19.03
CA VAL A 92 -8.66 40.52 -19.71
C VAL A 92 -9.92 39.76 -19.32
N THR A 93 -9.85 38.41 -19.32
CA THR A 93 -10.99 37.60 -18.92
C THR A 93 -11.02 37.36 -17.41
N ASP A 94 -9.93 37.66 -16.71
CA ASP A 94 -9.86 37.53 -15.27
C ASP A 94 -9.93 36.05 -14.87
N LEU A 95 -9.28 35.18 -15.66
CA LEU A 95 -9.26 33.75 -15.39
C LEU A 95 -7.82 33.26 -15.26
N LEU A 96 -7.58 32.40 -14.28
CA LEU A 96 -6.30 31.75 -14.05
C LEU A 96 -6.49 30.23 -14.01
N SER A 97 -5.66 29.51 -14.76
CA SER A 97 -5.55 28.07 -14.69
C SER A 97 -4.66 27.66 -13.53
N ILE A 98 -5.08 26.68 -12.74
CA ILE A 98 -4.28 26.24 -11.61
C ILE A 98 -3.26 25.20 -12.08
N GLY A 99 -3.28 24.89 -13.39
CA GLY A 99 -2.32 23.97 -13.97
C GLY A 99 -1.67 24.53 -15.23
N GLY A 100 -1.90 23.85 -16.36
CA GLY A 100 -1.29 24.23 -17.62
C GLY A 100 -2.28 24.97 -18.51
N ALA A 101 -1.91 25.10 -19.78
CA ALA A 101 -2.66 25.88 -20.75
C ALA A 101 -4.01 25.24 -21.03
N THR A 102 -5.01 26.08 -21.25
CA THR A 102 -6.34 25.59 -21.56
C THR A 102 -7.04 26.68 -22.34
N PRO A 103 -7.89 26.33 -23.34
CA PRO A 103 -8.77 27.32 -23.98
C PRO A 103 -9.75 28.00 -23.02
N LYS A 104 -9.96 27.42 -21.84
CA LYS A 104 -10.95 27.91 -20.90
C LYS A 104 -10.59 29.28 -20.31
N THR A 105 -9.32 29.72 -20.43
CA THR A 105 -8.93 31.04 -19.94
C THR A 105 -9.27 32.11 -20.99
N GLY A 106 -9.68 31.66 -22.19
CA GLY A 106 -10.17 32.56 -23.22
C GLY A 106 -9.12 32.91 -24.26
N PRO A 107 -9.41 33.88 -25.17
CA PRO A 107 -8.46 34.37 -26.17
C PRO A 107 -7.09 34.72 -25.59
N PRO A 108 -5.98 34.15 -26.12
CA PRO A 108 -4.67 34.33 -25.51
C PRO A 108 -4.23 35.79 -25.50
N PRO A 109 -3.44 36.22 -24.49
CA PRO A 109 -2.89 37.57 -24.44
C PRO A 109 -1.77 37.78 -25.47
N PRO A 110 -1.36 39.03 -25.76
CA PRO A 110 -0.23 39.28 -26.66
C PRO A 110 1.09 38.75 -26.10
N PRO A 111 1.87 37.98 -26.88
CA PRO A 111 3.18 37.52 -26.42
C PRO A 111 4.05 38.73 -26.11
N PRO A 112 5.03 38.66 -25.17
CA PRO A 112 5.46 37.42 -24.51
C PRO A 112 4.63 36.88 -23.35
N ALA A 113 3.50 37.52 -23.05
CA ALA A 113 2.57 36.98 -22.06
C ALA A 113 1.88 35.75 -22.62
N HIS A 114 1.39 34.87 -21.73
CA HIS A 114 1.05 33.51 -22.10
C HIS A 114 -0.25 33.04 -21.45
N ALA A 115 -0.50 33.45 -20.19
CA ALA A 115 -1.63 32.97 -19.42
C ALA A 115 -1.64 31.44 -19.38
N GLY A 116 -0.47 30.85 -19.14
CA GLY A 116 -0.25 29.42 -19.27
C GLY A 116 -0.45 28.66 -17.96
N GLY A 117 -0.88 29.37 -16.91
CA GLY A 117 -1.29 28.75 -15.66
C GLY A 117 -0.11 28.53 -14.73
N LEU A 118 -0.40 27.98 -13.53
CA LEU A 118 0.58 27.87 -12.45
C LEU A 118 1.69 26.89 -12.78
N ASN A 119 1.53 26.06 -13.83
CA ASN A 119 2.58 25.16 -14.28
C ASN A 119 3.80 25.87 -14.82
N VAL A 120 3.65 27.11 -15.31
CA VAL A 120 4.75 27.79 -15.98
C VAL A 120 5.91 27.99 -15.01
N HIS A 121 7.10 27.50 -15.42
CA HIS A 121 8.29 27.44 -14.57
C HIS A 121 9.07 28.73 -14.69
N GLY A 122 9.73 29.15 -13.60
CA GLY A 122 10.85 30.08 -13.74
C GLY A 122 10.72 31.40 -12.98
N THR A 123 9.50 31.91 -12.78
CA THR A 123 9.30 33.15 -12.04
CA THR A 123 9.31 33.15 -12.03
C THR A 123 8.51 32.88 -10.75
N PHE A 124 7.53 31.95 -10.82
CA PHE A 124 6.74 31.58 -9.66
C PHE A 124 7.08 30.13 -9.27
N GLU A 125 6.45 29.13 -9.91
CA GLU A 125 6.81 27.73 -9.70
C GLU A 125 8.32 27.56 -9.88
N GLY A 126 8.94 26.81 -8.96
CA GLY A 126 10.35 26.43 -9.10
C GLY A 126 10.68 25.13 -8.35
N ASP A 127 11.94 25.04 -7.93
CA ASP A 127 12.63 23.77 -7.70
C ASP A 127 12.66 23.41 -6.22
N ALA A 128 12.98 22.13 -5.96
CA ALA A 128 13.13 21.60 -4.61
C ALA A 128 11.78 21.54 -3.88
N GLY A 129 10.74 21.16 -4.62
CA GLY A 129 9.43 20.91 -4.02
C GLY A 129 9.46 19.62 -3.20
N MET A 130 8.35 19.37 -2.48
CA MET A 130 8.25 18.22 -1.58
C MET A 130 7.68 16.99 -2.30
N THR A 131 6.63 17.18 -3.12
CA THR A 131 6.01 16.08 -3.84
C THR A 131 6.07 16.27 -5.35
N ARG A 132 6.75 17.31 -5.83
CA ARG A 132 6.91 17.53 -7.26
C ARG A 132 8.39 17.67 -7.61
N ALA A 133 8.77 17.09 -8.77
CA ALA A 133 10.14 17.09 -9.26
C ALA A 133 10.42 18.42 -9.96
N ASP A 134 11.71 18.79 -9.98
CA ASP A 134 12.16 19.96 -10.71
C ASP A 134 11.79 19.85 -12.18
N GLU A 135 11.56 21.01 -12.81
CA GLU A 135 11.12 21.09 -14.19
C GLU A 135 12.17 20.55 -15.15
N PHE A 136 13.45 20.63 -14.77
CA PHE A 136 14.54 20.12 -15.59
C PHE A 136 14.34 18.65 -15.92
N PHE A 137 13.68 17.90 -15.02
CA PHE A 137 13.51 16.46 -15.20
C PHE A 137 12.26 16.13 -16.01
N GLY A 138 11.47 17.13 -16.42
CA GLY A 138 10.43 16.90 -17.42
C GLY A 138 8.99 17.09 -16.94
N ASP A 139 8.76 17.18 -15.61
CA ASP A 139 7.39 17.27 -15.10
C ASP A 139 7.37 17.96 -13.74
N ASN A 140 6.88 19.21 -13.71
CA ASN A 140 6.93 20.02 -12.51
C ASN A 140 5.57 20.08 -11.79
N HIS A 141 4.60 19.27 -12.24
CA HIS A 141 3.22 19.43 -11.78
C HIS A 141 2.66 18.14 -11.18
N SER A 142 3.03 16.98 -11.74
CA SER A 142 2.50 15.71 -11.28
C SER A 142 3.09 15.32 -9.93
N PHE A 143 2.27 14.68 -9.10
CA PHE A 143 2.74 14.00 -7.91
C PHE A 143 3.83 13.00 -8.29
N ASN A 144 4.89 12.93 -7.47
CA ASN A 144 6.02 12.05 -7.68
C ASN A 144 6.18 11.14 -6.46
N GLN A 145 5.96 9.84 -6.64
CA GLN A 145 5.92 8.89 -5.54
C GLN A 145 7.28 8.76 -4.85
N THR A 146 8.37 8.84 -5.62
CA THR A 146 9.71 8.75 -5.06
C THR A 146 9.93 9.89 -4.06
N LEU A 147 9.48 11.10 -4.42
CA LEU A 147 9.64 12.25 -3.54
C LEU A 147 8.77 12.10 -2.30
N PHE A 148 7.56 11.56 -2.47
CA PHE A 148 6.68 11.31 -1.34
C PHE A 148 7.28 10.26 -0.42
N ASP A 149 8.02 9.29 -0.99
CA ASP A 149 8.68 8.26 -0.18
C ASP A 149 9.71 8.92 0.74
N LYS A 150 10.39 9.96 0.24
CA LYS A 150 11.36 10.68 1.03
C LYS A 150 10.66 11.52 2.10
N PHE A 151 9.49 12.08 1.77
CA PHE A 151 8.66 12.76 2.74
C PHE A 151 8.34 11.81 3.90
N VAL A 152 7.98 10.55 3.56
CA VAL A 152 7.62 9.55 4.56
C VAL A 152 8.85 9.21 5.41
N ASP A 153 9.98 8.99 4.72
CA ASP A 153 11.23 8.62 5.36
C ASP A 153 11.63 9.68 6.39
N PHE A 154 11.57 10.97 6.01
CA PHE A 154 12.01 12.04 6.88
C PHE A 154 11.04 12.16 8.06
N SER A 155 9.75 11.91 7.82
CA SER A 155 8.77 11.91 8.91
C SER A 155 9.07 10.79 9.91
N ASN A 156 9.45 9.62 9.38
CA ASN A 156 9.85 8.49 10.20
C ASN A 156 11.09 8.83 11.03
N ARG A 157 12.04 9.54 10.41
CA ARG A 157 13.34 9.74 11.01
C ARG A 157 13.33 10.88 12.03
N TYR A 158 12.47 11.89 11.84
CA TYR A 158 12.53 13.10 12.65
C TYR A 158 11.21 13.46 13.32
N GLY A 159 10.09 12.82 12.95
CA GLY A 159 8.79 13.22 13.45
C GLY A 159 7.97 12.06 14.00
N GLY A 160 8.60 10.96 14.38
CA GLY A 160 7.88 9.84 14.98
C GLY A 160 6.90 9.20 13.99
N GLY A 161 7.12 9.39 12.68
CA GLY A 161 6.22 8.85 11.65
C GLY A 161 5.17 9.87 11.20
N PHE A 162 5.26 11.10 11.71
CA PHE A 162 4.38 12.19 11.34
C PHE A 162 5.18 13.36 10.81
N TYR A 163 4.54 14.27 10.05
CA TYR A 163 5.20 15.47 9.56
C TYR A 163 4.96 16.61 10.54
N ASN A 164 6.06 17.18 11.05
CA ASN A 164 6.01 18.31 11.99
C ASN A 164 7.16 19.27 11.66
N LEU A 165 7.28 20.35 12.43
CA LEU A 165 8.24 21.43 12.14
C LEU A 165 9.67 20.91 12.04
N THR A 166 10.06 19.98 12.92
CA THR A 166 11.41 19.42 12.90
C THR A 166 11.66 18.77 11.53
N VAL A 167 10.68 17.97 11.08
CA VAL A 167 10.78 17.26 9.81
C VAL A 167 10.94 18.26 8.68
N ALA A 168 10.14 19.33 8.72
CA ALA A 168 10.16 20.34 7.67
C ALA A 168 11.56 20.94 7.54
N GLY A 169 12.20 21.28 8.67
CA GLY A 169 13.55 21.83 8.63
C GLY A 169 14.51 20.91 7.88
N GLU A 170 14.47 19.62 8.23
CA GLU A 170 15.36 18.62 7.67
C GLU A 170 15.02 18.36 6.20
N LEU A 171 13.74 18.20 5.88
CA LEU A 171 13.34 17.88 4.52
C LEU A 171 13.69 19.03 3.57
N ARG A 172 13.46 20.27 4.00
CA ARG A 172 13.68 21.42 3.13
C ARG A 172 15.13 21.43 2.67
N TYR A 173 16.05 21.30 3.64
CA TYR A 173 17.49 21.31 3.37
C TYR A 173 17.86 20.18 2.40
N SER A 174 17.39 18.97 2.73
CA SER A 174 17.79 17.79 1.99
C SER A 174 17.31 17.90 0.55
N ARG A 175 16.11 18.45 0.33
CA ARG A 175 15.60 18.63 -1.02
C ARG A 175 16.46 19.64 -1.79
N ILE A 176 16.93 20.69 -1.11
CA ILE A 176 17.85 21.63 -1.73
C ILE A 176 19.11 20.88 -2.17
N GLN A 177 19.69 20.08 -1.28
CA GLN A 177 20.86 19.27 -1.61
C GLN A 177 20.60 18.36 -2.81
N ASP A 178 19.43 17.72 -2.89
CA ASP A 178 19.11 16.84 -4.01
C ASP A 178 19.21 17.60 -5.33
N SER A 179 18.66 18.82 -5.36
CA SER A 179 18.60 19.59 -6.60
C SER A 179 19.98 20.12 -6.98
N ILE A 180 20.78 20.50 -5.98
CA ILE A 180 22.16 20.92 -6.22
C ILE A 180 22.91 19.81 -6.94
N ALA A 181 22.73 18.57 -6.46
CA ALA A 181 23.53 17.45 -6.91
C ALA A 181 23.05 16.89 -8.25
N THR A 182 21.79 17.15 -8.64
CA THR A 182 21.22 16.42 -9.77
C THR A 182 20.69 17.34 -10.85
N ASN A 183 20.50 18.64 -10.56
CA ASN A 183 19.84 19.54 -11.48
C ASN A 183 20.81 20.66 -11.85
N PRO A 184 21.38 20.65 -13.07
CA PRO A 184 22.30 21.71 -13.49
C PRO A 184 21.69 23.08 -13.72
N GLU A 185 20.35 23.15 -13.84
CA GLU A 185 19.63 24.41 -14.03
C GLU A 185 18.99 24.89 -12.73
N PHE A 186 19.37 24.31 -11.59
CA PHE A 186 18.74 24.57 -10.31
C PHE A 186 18.84 26.05 -9.96
N GLN A 187 17.67 26.66 -9.70
CA GLN A 187 17.55 28.03 -9.24
C GLN A 187 16.82 28.01 -7.89
N PHE A 188 17.26 28.88 -6.96
CA PHE A 188 16.60 28.97 -5.67
C PHE A 188 16.71 30.39 -5.16
N LYS A 189 16.10 31.31 -5.92
CA LYS A 189 16.21 32.73 -5.63
C LYS A 189 14.85 33.41 -5.79
N ASN A 190 14.78 34.66 -5.32
CA ASN A 190 13.65 35.53 -5.58
C ASN A 190 12.36 34.88 -5.07
N VAL A 191 11.36 34.76 -5.94
CA VAL A 191 10.07 34.27 -5.52
C VAL A 191 10.23 32.86 -4.92
N ARG A 192 11.01 32.01 -5.59
CA ARG A 192 11.08 30.62 -5.17
C ARG A 192 11.72 30.51 -3.80
N PHE A 193 12.71 31.35 -3.50
CA PHE A 193 13.39 31.27 -2.23
C PHE A 193 12.41 31.57 -1.10
N ILE A 194 11.46 32.48 -1.33
CA ILE A 194 10.50 32.84 -0.29
C ILE A 194 9.41 31.77 -0.18
N THR A 195 8.86 31.33 -1.31
CA THR A 195 7.71 30.43 -1.30
C THR A 195 8.12 29.05 -0.80
N ALA A 196 9.38 28.67 -1.00
CA ALA A 196 9.84 27.33 -0.66
C ALA A 196 9.84 27.07 0.85
N TYR A 197 9.95 28.12 1.67
CA TYR A 197 9.96 27.93 3.11
C TYR A 197 8.53 27.86 3.63
N GLY A 198 7.66 28.76 3.11
CA GLY A 198 6.26 28.77 3.50
C GLY A 198 5.55 27.45 3.15
N GLU A 199 5.87 26.90 1.97
CA GLU A 199 5.19 25.71 1.50
C GLU A 199 5.45 24.53 2.44
N THR A 200 6.59 24.55 3.17
CA THR A 200 6.94 23.39 3.96
C THR A 200 6.17 23.39 5.28
N VAL A 201 5.60 24.53 5.69
CA VAL A 201 4.83 24.57 6.92
C VAL A 201 3.32 24.57 6.65
N PHE A 202 2.90 24.76 5.39
CA PHE A 202 1.48 24.76 5.09
C PHE A 202 0.84 23.43 5.50
N PRO A 203 1.49 22.26 5.28
CA PRO A 203 0.91 20.99 5.70
C PRO A 203 0.63 20.90 7.20
N ILE A 204 1.43 21.58 8.02
CA ILE A 204 1.26 21.58 9.46
C ILE A 204 0.12 22.52 9.84
N ASN A 205 0.15 23.74 9.29
CA ASN A 205 -0.78 24.77 9.73
C ASN A 205 -2.15 24.62 9.09
N LEU A 206 -2.22 24.00 7.89
CA LEU A 206 -3.47 24.00 7.13
C LEU A 206 -4.02 22.60 6.84
N PHE A 207 -3.16 21.57 6.79
CA PHE A 207 -3.61 20.24 6.43
C PHE A 207 -3.89 19.42 7.68
N VAL A 208 -3.37 19.86 8.82
CA VAL A 208 -3.74 19.25 10.09
C VAL A 208 -5.11 19.77 10.51
N ASP A 209 -5.98 18.83 10.89
CA ASP A 209 -7.34 19.12 11.31
C ASP A 209 -7.35 20.22 12.38
N GLY A 210 -8.32 21.13 12.28
CA GLY A 210 -8.37 22.30 13.14
C GLY A 210 -8.75 21.99 14.59
N ARG A 211 -9.31 20.81 14.83
CA ARG A 211 -9.69 20.39 16.18
C ARG A 211 -8.45 19.93 16.96
N VAL A 212 -7.32 19.73 16.28
CA VAL A 212 -6.07 19.39 16.96
C VAL A 212 -5.38 20.68 17.39
N THR A 213 -5.36 20.97 18.71
CA THR A 213 -4.89 22.25 19.20
C THR A 213 -3.42 22.17 19.64
N THR A 214 -2.95 20.97 19.97
CA THR A 214 -1.63 20.78 20.55
C THR A 214 -0.87 19.70 19.78
N ASP A 215 0.44 19.89 19.62
CA ASP A 215 1.31 18.87 19.04
C ASP A 215 0.84 18.59 17.61
N ARG A 216 0.74 19.67 16.83
CA ARG A 216 0.15 19.59 15.51
C ARG A 216 1.12 18.87 14.58
N LYS A 217 0.63 17.82 13.92
CA LYS A 217 1.45 16.95 13.12
C LYS A 217 0.55 16.22 12.13
N LEU A 218 1.08 15.94 10.93
CA LEU A 218 0.26 15.41 9.85
C LEU A 218 0.59 13.94 9.62
N SER A 219 -0.45 13.11 9.56
CA SER A 219 -0.28 11.69 9.29
C SER A 219 0.02 11.49 7.80
N MET A 220 0.64 10.36 7.46
CA MET A 220 1.00 10.09 6.08
C MET A 220 -0.24 9.73 5.26
N GLU A 221 -1.27 9.18 5.91
CA GLU A 221 -2.53 8.88 5.24
C GLU A 221 -3.16 10.17 4.72
N ASP A 222 -3.21 11.18 5.59
CA ASP A 222 -3.78 12.48 5.27
C ASP A 222 -2.90 13.21 4.26
N ALA A 223 -1.57 13.14 4.44
CA ALA A 223 -0.67 13.71 3.45
C ALA A 223 -0.94 13.11 2.07
N ALA A 224 -1.03 11.78 1.98
CA ALA A 224 -1.22 11.13 0.69
C ALA A 224 -2.55 11.57 0.08
N SER A 225 -3.57 11.64 0.93
CA SER A 225 -4.91 11.97 0.50
C SER A 225 -4.91 13.33 -0.23
N ILE A 226 -4.23 14.32 0.35
CA ILE A 226 -4.21 15.67 -0.20
C ILE A 226 -3.19 15.77 -1.36
N PHE A 227 -1.94 15.39 -1.09
CA PHE A 227 -0.86 15.58 -2.05
C PHE A 227 -1.04 14.75 -3.31
N ARG A 228 -1.56 13.53 -3.17
CA ARG A 228 -1.68 12.62 -4.30
C ARG A 228 -3.11 12.62 -4.86
N ASP A 229 -4.12 12.44 -4.00
CA ASP A 229 -5.46 12.16 -4.47
C ASP A 229 -6.33 13.42 -4.58
N MET A 230 -5.86 14.55 -4.05
CA MET A 230 -6.58 15.81 -4.10
CA MET A 230 -6.59 15.81 -4.09
C MET A 230 -7.89 15.70 -3.30
N ARG A 231 -7.83 14.99 -2.17
CA ARG A 231 -8.99 14.65 -1.38
C ARG A 231 -8.78 15.07 0.07
N PHE A 232 -9.74 15.79 0.65
CA PHE A 232 -9.73 16.07 2.07
C PHE A 232 -9.84 14.76 2.85
N PRO A 233 -9.16 14.63 4.00
CA PRO A 233 -9.47 13.54 4.93
C PRO A 233 -10.96 13.50 5.27
N ASP A 234 -11.46 12.31 5.60
CA ASP A 234 -12.84 12.19 6.08
C ASP A 234 -13.06 13.13 7.25
N ASP A 235 -14.18 13.85 7.26
CA ASP A 235 -14.59 14.68 8.37
C ASP A 235 -13.57 15.80 8.62
N PHE A 236 -12.91 16.28 7.58
CA PHE A 236 -11.83 17.24 7.76
C PHE A 236 -12.40 18.58 8.19
N HIS A 237 -11.83 19.12 9.28
CA HIS A 237 -12.18 20.44 9.78
C HIS A 237 -10.98 21.36 9.58
N ARG A 238 -11.23 22.54 9.01
CA ARG A 238 -10.16 23.48 8.72
C ARG A 238 -9.57 24.04 10.00
N SER A 239 -8.39 24.65 9.90
CA SER A 239 -7.76 25.43 10.96
C SER A 239 -8.80 26.29 11.70
N ALA A 240 -8.60 26.44 13.01
CA ALA A 240 -9.53 27.17 13.87
C ALA A 240 -9.23 28.66 13.83
N VAL A 241 -8.10 29.03 13.23
CA VAL A 241 -7.70 30.42 13.07
C VAL A 241 -7.20 30.60 11.65
N PRO A 242 -7.36 31.79 11.04
CA PRO A 242 -6.70 32.07 9.76
C PRO A 242 -5.21 31.83 9.92
N ALA A 243 -4.60 31.15 8.94
CA ALA A 243 -3.20 30.79 9.04
C ALA A 243 -2.53 30.76 7.67
N SER A 244 -1.20 30.69 7.70
CA SER A 244 -0.39 30.61 6.49
C SER A 244 0.96 30.00 6.86
N ASN A 245 1.97 30.86 7.05
CA ASN A 245 3.35 30.44 7.01
C ASN A 245 4.02 30.51 8.40
N GLU A 246 3.23 30.34 9.48
CA GLU A 246 3.78 30.31 10.82
C GLU A 246 4.78 29.16 10.95
N GLY A 247 6.00 29.48 11.39
CA GLY A 247 7.03 28.48 11.64
C GLY A 247 8.09 28.46 10.54
N ALA A 248 7.88 29.22 9.46
CA ALA A 248 8.80 29.21 8.32
C ALA A 248 10.17 29.73 8.73
N ASP A 249 10.21 30.69 9.66
CA ASP A 249 11.44 31.22 10.23
C ASP A 249 12.27 30.08 10.83
N GLN A 250 11.61 29.18 11.56
CA GLN A 250 12.30 28.10 12.26
C GLN A 250 12.85 27.08 11.27
N VAL A 251 12.16 26.89 10.13
CA VAL A 251 12.61 25.96 9.10
C VAL A 251 13.93 26.47 8.50
N LEU A 252 14.01 27.78 8.26
CA LEU A 252 15.22 28.39 7.75
C LEU A 252 16.34 28.30 8.79
N ALA A 253 15.99 28.50 10.06
CA ALA A 253 16.97 28.56 11.13
C ALA A 253 17.63 27.20 11.35
N ALA A 254 16.91 26.11 11.09
CA ALA A 254 17.46 24.77 11.25
C ALA A 254 18.63 24.51 10.29
N HIS A 255 18.60 25.11 9.09
CA HIS A 255 19.70 24.96 8.14
C HIS A 255 19.84 26.24 7.32
N PRO A 256 20.48 27.28 7.88
CA PRO A 256 20.60 28.58 7.20
C PRO A 256 21.04 28.44 5.76
N TRP A 257 20.38 29.16 4.86
CA TRP A 257 20.63 29.02 3.44
C TRP A 257 20.48 30.37 2.73
N VAL A 258 21.21 30.52 1.63
CA VAL A 258 21.31 31.79 0.94
C VAL A 258 20.78 31.60 -0.48
N PRO A 259 19.93 32.51 -0.99
CA PRO A 259 19.46 32.43 -2.37
C PRO A 259 20.61 32.31 -3.36
N GLY A 260 20.37 31.57 -4.45
CA GLY A 260 21.34 31.42 -5.50
C GLY A 260 20.93 30.31 -6.47
N GLY A 261 21.93 29.62 -7.03
CA GLY A 261 21.68 28.57 -7.99
C GLY A 261 22.97 27.90 -8.47
N ASN A 262 22.79 26.80 -9.21
CA ASN A 262 23.90 26.16 -9.91
C ASN A 262 24.30 27.01 -11.11
N ALA A 263 25.59 27.40 -11.17
CA ALA A 263 26.11 28.21 -12.26
C ALA A 263 26.65 27.34 -13.39
N ASP A 264 26.60 27.90 -14.61
CA ASP A 264 27.30 27.39 -15.78
C ASP A 264 26.85 25.96 -16.10
N ASN A 265 25.54 25.69 -15.94
CA ASN A 265 24.94 24.46 -16.41
C ASN A 265 25.70 23.25 -15.86
N GLN A 266 26.06 23.30 -14.57
CA GLN A 266 26.79 22.22 -13.92
C GLN A 266 26.21 21.92 -12.53
N VAL A 267 26.23 20.66 -12.13
CA VAL A 267 25.81 20.26 -10.79
C VAL A 267 26.90 20.59 -9.78
N ASN A 268 26.54 20.47 -8.50
CA ASN A 268 27.42 20.73 -7.36
C ASN A 268 28.23 22.00 -7.56
N ASN A 269 27.53 23.08 -7.95
CA ASN A 269 28.19 24.33 -8.28
C ASN A 269 27.30 25.51 -7.88
N TYR A 270 26.92 25.54 -6.60
CA TYR A 270 25.95 26.50 -6.13
C TYR A 270 26.66 27.83 -5.82
N VAL A 271 26.18 28.90 -6.44
CA VAL A 271 26.73 30.24 -6.24
C VAL A 271 25.64 31.12 -5.61
N GLU A 272 26.02 31.87 -4.58
CA GLU A 272 25.10 32.78 -3.93
CA GLU A 272 25.11 32.79 -3.92
C GLU A 272 24.75 33.93 -4.88
N ASP A 273 23.50 34.42 -4.79
CA ASP A 273 23.08 35.64 -5.45
C ASP A 273 22.78 36.69 -4.39
N PRO A 274 23.63 37.73 -4.24
CA PRO A 274 23.42 38.75 -3.21
C PRO A 274 22.34 39.80 -3.52
N ASP A 275 21.86 39.83 -4.77
CA ASP A 275 20.79 40.74 -5.20
C ASP A 275 19.39 40.15 -4.99
N SER A 276 19.30 38.84 -4.74
CA SER A 276 18.01 38.18 -4.61
C SER A 276 17.28 38.70 -3.37
N ALA A 277 15.96 38.65 -3.42
CA ALA A 277 15.14 38.80 -2.22
C ALA A 277 15.52 37.72 -1.21
N ASP A 278 15.35 38.04 0.08
CA ASP A 278 15.42 37.07 1.16
C ASP A 278 14.48 37.54 2.25
N PHE A 279 14.60 36.97 3.47
CA PHE A 279 13.58 37.17 4.48
C PHE A 279 13.76 38.50 5.23
N THR A 280 14.93 39.15 5.11
CA THR A 280 15.11 40.48 5.64
C THR A 280 15.12 41.52 4.51
N HIS A 281 14.80 41.08 3.28
CA HIS A 281 14.80 41.96 2.11
C HIS A 281 13.61 41.63 1.20
N LEU A 282 12.40 41.69 1.74
CA LEU A 282 11.22 41.15 1.07
C LEU A 282 10.76 42.05 -0.07
N CYS A 283 10.93 43.37 0.04
CA CYS A 283 10.45 44.28 -0.99
C CYS A 283 11.15 44.03 -2.31
N ARG A 284 12.34 43.42 -2.27
CA ARG A 284 13.01 43.04 -3.51
C ARG A 284 12.13 42.10 -4.33
N LEU A 285 11.38 41.22 -3.65
CA LEU A 285 10.49 40.30 -4.32
C LEU A 285 9.43 41.11 -5.08
N TYR A 286 8.86 42.13 -4.42
CA TYR A 286 7.87 43.01 -5.05
C TYR A 286 8.46 43.65 -6.30
N GLU A 287 9.66 44.22 -6.19
CA GLU A 287 10.26 44.97 -7.28
C GLU A 287 10.58 44.02 -8.43
N PHE A 288 11.09 42.84 -8.09
CA PHE A 288 11.43 41.82 -9.09
C PHE A 288 10.20 41.42 -9.89
N VAL A 289 9.09 41.13 -9.19
CA VAL A 289 7.88 40.67 -9.84
C VAL A 289 7.30 41.75 -10.75
N VAL A 290 7.30 43.01 -10.29
CA VAL A 290 6.82 44.12 -11.10
C VAL A 290 7.67 44.21 -12.38
N GLY A 291 8.99 44.01 -12.25
CA GLY A 291 9.89 43.90 -13.38
C GLY A 291 9.43 42.79 -14.34
N SER A 292 9.14 41.61 -13.80
CA SER A 292 8.75 40.48 -14.62
C SER A 292 7.47 40.79 -15.40
N VAL A 293 6.53 41.49 -14.76
CA VAL A 293 5.28 41.84 -15.40
C VAL A 293 5.54 42.77 -16.60
N GLN A 294 6.49 43.70 -16.45
CA GLN A 294 6.84 44.61 -17.54
C GLN A 294 7.39 43.84 -18.75
N GLU A 295 8.16 42.77 -18.47
CA GLU A 295 8.71 41.95 -19.54
C GLU A 295 7.58 41.24 -20.29
N LEU A 296 6.55 40.79 -19.56
CA LEU A 296 5.41 40.10 -20.15
C LEU A 296 4.51 41.09 -20.89
N TYR A 297 4.36 42.30 -20.34
CA TYR A 297 3.45 43.29 -20.89
C TYR A 297 4.20 44.58 -21.14
N PRO A 298 5.03 44.64 -22.21
CA PRO A 298 5.88 45.81 -22.45
C PRO A 298 5.17 47.07 -22.93
N ASN A 299 3.96 46.97 -23.50
CA ASN A 299 3.26 48.16 -23.97
C ASN A 299 1.76 47.92 -24.09
N PRO A 300 1.03 47.63 -23.00
CA PRO A 300 -0.43 47.45 -23.06
C PRO A 300 -1.19 48.77 -23.17
N THR A 301 -2.39 48.74 -23.78
CA THR A 301 -3.06 49.99 -24.15
C THR A 301 -4.53 50.07 -23.72
N GLY A 302 -5.26 48.97 -23.59
CA GLY A 302 -6.72 49.17 -23.53
C GLY A 302 -7.32 48.66 -22.24
N ILE A 303 -8.28 47.75 -22.40
CA ILE A 303 -8.84 46.99 -21.29
C ILE A 303 -7.70 46.24 -20.59
N LEU A 304 -6.68 45.84 -21.36
CA LEU A 304 -5.57 45.09 -20.81
C LEU A 304 -4.75 45.98 -19.87
N ARG A 305 -4.46 47.22 -20.30
CA ARG A 305 -3.71 48.15 -19.47
CA ARG A 305 -3.71 48.16 -19.47
C ARG A 305 -4.50 48.43 -18.19
N ARG A 306 -5.80 48.66 -18.34
CA ARG A 306 -6.66 48.96 -17.20
C ARG A 306 -6.59 47.81 -16.19
N ASN A 307 -6.73 46.58 -16.65
CA ASN A 307 -6.82 45.43 -15.74
C ASN A 307 -5.46 45.13 -15.12
N LEU A 308 -4.36 45.46 -15.82
CA LEU A 308 -3.03 45.35 -15.25
C LEU A 308 -2.87 46.32 -14.08
N ILE A 309 -3.32 47.56 -14.28
CA ILE A 309 -3.18 48.58 -13.24
C ILE A 309 -3.94 48.13 -11.99
N LYS A 310 -5.15 47.61 -12.18
CA LYS A 310 -5.96 47.20 -11.04
C LYS A 310 -5.35 46.01 -10.30
N ASN A 311 -4.95 44.98 -11.05
CA ASN A 311 -4.41 43.77 -10.45
C ASN A 311 -3.10 44.07 -9.73
N LEU A 312 -2.30 44.98 -10.29
CA LEU A 312 -1.04 45.35 -9.65
C LEU A 312 -1.34 46.02 -8.31
N HIS A 313 -2.34 46.91 -8.30
CA HIS A 313 -2.76 47.60 -7.10
C HIS A 313 -3.29 46.60 -6.08
N TYR A 314 -4.18 45.69 -6.52
CA TYR A 314 -4.71 44.66 -5.64
C TYR A 314 -3.57 43.91 -4.97
N TRP A 315 -2.58 43.48 -5.78
CA TRP A 315 -1.48 42.71 -5.24
C TRP A 315 -0.76 43.54 -4.19
N TRP A 316 -0.50 44.82 -4.51
CA TRP A 316 0.23 45.69 -3.61
C TRP A 316 -0.47 45.76 -2.25
N THR A 317 -1.82 45.78 -2.22
CA THR A 317 -2.53 45.97 -0.96
C THR A 317 -2.14 44.84 0.00
N GLY A 318 -1.98 43.63 -0.53
CA GLY A 318 -1.53 42.48 0.24
C GLY A 318 -0.02 42.54 0.56
N VAL A 319 0.79 42.89 -0.44
CA VAL A 319 2.23 42.89 -0.28
C VAL A 319 2.63 43.88 0.79
N ASN A 320 1.94 45.03 0.81
CA ASN A 320 2.28 46.13 1.71
C ASN A 320 2.20 45.68 3.16
N VAL A 321 1.12 44.96 3.50
CA VAL A 321 0.93 44.45 4.85
C VAL A 321 1.88 43.28 5.08
N ALA A 322 1.91 42.32 4.14
CA ALA A 322 2.63 41.08 4.38
C ALA A 322 4.13 41.33 4.53
N PHE A 323 4.68 42.28 3.77
CA PHE A 323 6.13 42.48 3.72
C PHE A 323 6.54 43.61 4.66
N GLY A 324 5.60 44.23 5.37
CA GLY A 324 5.92 45.25 6.36
C GLY A 324 6.22 46.62 5.74
N GLY A 325 5.61 46.93 4.59
CA GLY A 325 5.70 48.24 3.96
C GLY A 325 6.61 48.24 2.73
N CYS A 326 6.03 48.42 1.54
CA CYS A 326 6.76 48.56 0.29
C CYS A 326 6.18 49.73 -0.51
N ASP A 327 7.06 50.53 -1.13
CA ASP A 327 6.60 51.65 -1.93
C ASP A 327 5.95 51.12 -3.20
N GLU A 328 4.69 51.51 -3.43
CA GLU A 328 3.97 51.04 -4.60
C GLU A 328 4.63 51.58 -5.86
N LEU A 329 4.77 50.71 -6.88
CA LEU A 329 5.27 51.08 -8.18
C LEU A 329 4.11 51.22 -9.18
N PHE A 330 4.31 52.10 -10.18
CA PHE A 330 3.26 52.42 -11.14
C PHE A 330 3.82 52.36 -12.56
N PRO A 331 4.21 51.16 -13.05
CA PRO A 331 4.81 51.04 -14.38
C PRO A 331 3.92 51.43 -15.56
N TYR A 332 2.60 51.48 -15.34
CA TYR A 332 1.66 51.90 -16.38
C TYR A 332 0.89 53.14 -15.95
N GLY A 333 1.42 53.86 -14.96
CA GLY A 333 0.74 55.02 -14.41
C GLY A 333 -0.54 54.63 -13.67
N GLN A 334 -1.48 55.59 -13.67
CA GLN A 334 -2.74 55.47 -12.97
CA GLN A 334 -2.74 55.46 -12.97
C GLN A 334 -3.88 55.36 -13.97
N LEU A 335 -5.08 55.06 -13.47
CA LEU A 335 -6.25 54.85 -14.32
C LEU A 335 -6.67 56.14 -15.05
N GLN B 1 -2.63 -21.06 -22.44
CA GLN B 1 -4.09 -20.86 -22.72
C GLN B 1 -4.90 -21.41 -21.54
N GLY B 2 -5.05 -22.74 -21.50
CA GLY B 2 -5.88 -23.43 -20.52
C GLY B 2 -5.19 -23.58 -19.17
N VAL B 3 -5.97 -23.53 -18.10
CA VAL B 3 -5.47 -23.52 -16.73
C VAL B 3 -6.13 -24.66 -15.98
N ASP B 4 -5.45 -25.19 -14.96
CA ASP B 4 -6.01 -26.18 -14.07
C ASP B 4 -6.46 -25.48 -12.79
N PRO B 5 -7.79 -25.33 -12.53
CA PRO B 5 -8.28 -24.48 -11.43
C PRO B 5 -8.13 -25.08 -10.03
N PRO B 6 -7.50 -24.34 -9.08
CA PRO B 6 -7.34 -24.84 -7.72
C PRO B 6 -8.66 -24.80 -6.97
N PRO B 7 -8.84 -25.59 -5.91
CA PRO B 7 -10.05 -25.52 -5.09
C PRO B 7 -10.10 -24.17 -4.37
N PRO B 8 -11.28 -23.75 -3.88
CA PRO B 8 -11.38 -22.46 -3.20
C PRO B 8 -10.55 -22.42 -1.92
N PRO B 9 -9.95 -21.26 -1.59
CA PRO B 9 -9.34 -21.05 -0.28
C PRO B 9 -10.37 -21.32 0.81
N GLY B 10 -9.87 -21.76 1.98
CA GLY B 10 -10.67 -21.83 3.19
C GLY B 10 -10.73 -20.48 3.90
N PRO B 11 -11.29 -20.43 5.13
CA PRO B 11 -11.34 -19.19 5.91
C PRO B 11 -9.93 -18.65 6.16
N PRO B 12 -9.77 -17.33 6.40
CA PRO B 12 -8.46 -16.78 6.73
C PRO B 12 -7.99 -17.26 8.11
N SER B 13 -6.67 -17.34 8.30
CA SER B 13 -6.09 -17.79 9.55
CA SER B 13 -6.10 -17.80 9.56
C SER B 13 -6.53 -16.88 10.69
N PHE B 14 -6.42 -15.57 10.47
CA PHE B 14 -6.85 -14.54 11.41
C PHE B 14 -8.22 -14.01 10.99
N THR B 15 -9.19 -14.01 11.90
CA THR B 15 -10.57 -13.65 11.57
C THR B 15 -11.04 -12.44 12.38
N GLY B 16 -10.12 -11.70 13.04
CA GLY B 16 -10.50 -10.53 13.81
C GLY B 16 -10.49 -9.25 12.96
N THR B 17 -10.76 -8.09 13.58
CA THR B 17 -10.69 -6.82 12.86
C THR B 17 -9.22 -6.53 12.59
N LYS B 18 -9.01 -5.72 11.56
CA LYS B 18 -7.72 -5.15 11.26
C LYS B 18 -7.95 -3.96 10.33
N LEU B 19 -6.91 -3.13 10.21
CA LEU B 19 -6.93 -2.03 9.27
C LEU B 19 -6.79 -2.62 7.88
N VAL B 20 -7.74 -2.31 6.99
CA VAL B 20 -7.71 -2.85 5.64
C VAL B 20 -7.35 -1.74 4.67
N ASN B 21 -7.71 -0.50 5.00
CA ASN B 21 -7.29 0.67 4.25
C ASN B 21 -5.89 1.08 4.72
N ASP B 22 -4.87 0.37 4.26
CA ASP B 22 -3.53 0.43 4.83
C ASP B 22 -2.54 0.82 3.74
N ALA B 23 -1.25 0.88 4.10
CA ALA B 23 -0.24 1.45 3.22
C ALA B 23 -0.08 0.61 1.95
N ASP B 24 -0.24 -0.70 2.09
CA ASP B 24 -0.04 -1.62 0.98
C ASP B 24 -1.27 -1.70 0.07
N HIS B 25 -2.41 -1.16 0.51
CA HIS B 25 -3.65 -1.21 -0.26
C HIS B 25 -4.23 0.18 -0.46
N PRO B 26 -3.48 1.11 -1.12
CA PRO B 26 -3.97 2.47 -1.32
C PRO B 26 -5.05 2.54 -2.40
N TRP B 27 -6.01 3.45 -2.24
CA TRP B 27 -6.92 3.78 -3.32
C TRP B 27 -6.13 4.39 -4.46
N GLN B 28 -6.45 4.01 -5.69
CA GLN B 28 -5.87 4.62 -6.87
C GLN B 28 -6.96 4.77 -7.92
N PRO B 29 -6.87 5.79 -8.80
CA PRO B 29 -7.88 5.97 -9.85
C PRO B 29 -7.75 4.90 -10.95
N LEU B 30 -8.82 4.79 -11.73
CA LEU B 30 -8.87 3.87 -12.86
C LEU B 30 -7.83 4.27 -13.89
N ARG B 31 -7.17 3.26 -14.47
CA ARG B 31 -6.38 3.46 -15.67
C ARG B 31 -7.16 2.96 -16.87
N GLU B 32 -6.64 3.27 -18.06
CA GLU B 32 -7.20 2.78 -19.31
C GLU B 32 -7.28 1.26 -19.24
N GLY B 33 -8.49 0.73 -19.50
CA GLY B 33 -8.68 -0.71 -19.57
C GLY B 33 -9.26 -1.31 -18.28
N ASP B 34 -9.18 -0.58 -17.16
CA ASP B 34 -9.62 -1.12 -15.88
C ASP B 34 -11.14 -1.31 -15.91
N ILE B 35 -11.61 -2.39 -15.28
CA ILE B 35 -13.01 -2.79 -15.32
C ILE B 35 -13.64 -2.66 -13.94
N ARG B 36 -14.84 -2.08 -13.89
CA ARG B 36 -15.65 -1.99 -12.68
C ARG B 36 -17.09 -2.34 -13.06
N GLY B 37 -17.92 -2.71 -12.07
CA GLY B 37 -19.21 -3.28 -12.39
C GLY B 37 -20.26 -2.97 -11.33
N PRO B 38 -21.27 -3.85 -11.17
CA PRO B 38 -22.40 -3.57 -10.30
C PRO B 38 -22.19 -3.84 -8.81
N CYS B 39 -21.04 -4.45 -8.44
CA CYS B 39 -20.76 -4.78 -7.05
C CYS B 39 -19.83 -3.74 -6.43
N PRO B 40 -20.33 -2.97 -5.42
CA PRO B 40 -19.48 -2.01 -4.71
C PRO B 40 -18.40 -2.69 -3.88
N GLY B 41 -18.65 -3.93 -3.45
CA GLY B 41 -17.66 -4.70 -2.72
C GLY B 41 -16.42 -4.99 -3.58
N LEU B 42 -16.65 -5.67 -4.71
CA LEU B 42 -15.56 -6.03 -5.59
C LEU B 42 -14.90 -4.77 -6.15
N ASN B 43 -15.72 -3.74 -6.42
CA ASN B 43 -15.21 -2.50 -6.99
C ASN B 43 -14.19 -1.87 -6.03
N THR B 44 -14.51 -1.83 -4.74
CA THR B 44 -13.64 -1.22 -3.76
C THR B 44 -12.37 -2.07 -3.59
N LEU B 45 -12.52 -3.39 -3.59
CA LEU B 45 -11.36 -4.27 -3.45
C LEU B 45 -10.40 -4.09 -4.61
N ALA B 46 -10.93 -3.87 -5.82
CA ALA B 46 -10.07 -3.65 -6.97
C ALA B 46 -9.40 -2.28 -6.88
N SER B 47 -10.14 -1.26 -6.48
CA SER B 47 -9.58 0.09 -6.46
C SER B 47 -8.58 0.28 -5.31
N HIS B 48 -8.51 -0.67 -4.36
CA HIS B 48 -7.50 -0.65 -3.31
C HIS B 48 -6.43 -1.73 -3.49
N GLY B 49 -6.46 -2.47 -4.59
CA GLY B 49 -5.42 -3.46 -4.89
C GLY B 49 -5.53 -4.77 -4.11
N TYR B 50 -6.68 -5.06 -3.46
CA TYR B 50 -6.91 -6.38 -2.90
C TYR B 50 -7.17 -7.40 -4.01
N LEU B 51 -7.88 -6.96 -5.06
CA LEU B 51 -7.96 -7.67 -6.33
C LEU B 51 -7.01 -6.99 -7.30
N PRO B 52 -6.69 -7.63 -8.44
CA PRO B 52 -6.04 -6.92 -9.54
C PRO B 52 -6.83 -5.65 -9.87
N ARG B 53 -6.10 -4.55 -10.13
CA ARG B 53 -6.71 -3.23 -10.27
C ARG B 53 -7.48 -3.12 -11.57
N ASP B 54 -7.23 -4.04 -12.50
CA ASP B 54 -7.93 -4.03 -13.78
C ASP B 54 -9.29 -4.71 -13.66
N GLY B 55 -9.60 -5.31 -12.51
CA GLY B 55 -10.95 -5.79 -12.24
C GLY B 55 -11.24 -7.13 -12.93
N VAL B 56 -10.17 -7.85 -13.25
CA VAL B 56 -10.25 -9.20 -13.79
C VAL B 56 -9.43 -10.11 -12.89
N ALA B 57 -10.06 -11.19 -12.38
CA ALA B 57 -9.43 -12.00 -11.37
C ALA B 57 -9.88 -13.46 -11.45
N THR B 58 -9.12 -14.34 -10.79
CA THR B 58 -9.50 -15.73 -10.63
C THR B 58 -10.51 -15.82 -9.50
N PRO B 59 -11.36 -16.87 -9.48
CA PRO B 59 -12.20 -17.16 -8.31
C PRO B 59 -11.44 -17.15 -6.99
N ALA B 60 -10.27 -17.81 -6.94
CA ALA B 60 -9.51 -17.89 -5.71
C ALA B 60 -9.09 -16.50 -5.23
N GLN B 61 -8.68 -15.63 -6.16
CA GLN B 61 -8.29 -14.27 -5.80
C GLN B 61 -9.47 -13.48 -5.24
N ILE B 62 -10.65 -13.69 -5.81
CA ILE B 62 -11.85 -12.99 -5.37
C ILE B 62 -12.21 -13.44 -3.95
N ILE B 63 -12.11 -14.73 -3.67
CA ILE B 63 -12.46 -15.25 -2.37
C ILE B 63 -11.51 -14.70 -1.33
N THR B 64 -10.20 -14.79 -1.58
CA THR B 64 -9.22 -14.36 -0.59
CA THR B 64 -9.23 -14.36 -0.59
C THR B 64 -9.38 -12.85 -0.38
N ALA B 65 -9.70 -12.10 -1.45
CA ALA B 65 -9.85 -10.65 -1.37
C ALA B 65 -11.06 -10.23 -0.54
N THR B 66 -12.21 -10.88 -0.73
CA THR B 66 -13.42 -10.55 0.02
C THR B 66 -13.20 -10.88 1.49
N GLN B 67 -12.44 -11.92 1.77
CA GLN B 67 -12.12 -12.30 3.13
C GLN B 67 -11.13 -11.30 3.74
N GLU B 68 -10.02 -11.04 3.04
CA GLU B 68 -9.00 -10.14 3.59
C GLU B 68 -9.59 -8.75 3.80
N GLY B 69 -10.33 -8.26 2.81
CA GLY B 69 -10.72 -6.85 2.78
C GLY B 69 -11.94 -6.57 3.65
N PHE B 70 -12.88 -7.54 3.76
CA PHE B 70 -14.16 -7.26 4.39
C PHE B 70 -14.54 -8.31 5.43
N ASN B 71 -13.77 -9.39 5.53
CA ASN B 71 -14.12 -10.53 6.37
C ASN B 71 -15.44 -11.15 5.90
N PHE B 72 -15.67 -11.20 4.59
CA PHE B 72 -16.81 -11.93 4.05
C PHE B 72 -16.63 -13.41 4.42
N GLU B 73 -17.70 -14.04 4.91
CA GLU B 73 -17.62 -15.42 5.37
C GLU B 73 -17.32 -16.35 4.19
N ASN B 74 -16.47 -17.34 4.45
CA ASN B 74 -15.88 -18.23 3.45
C ASN B 74 -16.93 -18.86 2.53
N ASN B 75 -17.98 -19.45 3.11
CA ASN B 75 -18.97 -20.16 2.33
C ASN B 75 -19.78 -19.20 1.47
N ALA B 76 -20.07 -18.02 2.01
CA ALA B 76 -20.80 -17.00 1.28
C ALA B 76 -19.99 -16.53 0.08
N ALA B 77 -18.68 -16.36 0.29
CA ALA B 77 -17.75 -15.98 -0.76
C ALA B 77 -17.71 -17.05 -1.85
N ILE B 78 -17.73 -18.32 -1.45
CA ILE B 78 -17.69 -19.42 -2.39
C ILE B 78 -18.97 -19.42 -3.22
N VAL B 79 -20.12 -19.27 -2.55
CA VAL B 79 -21.41 -19.32 -3.21
C VAL B 79 -21.51 -18.20 -4.25
N ALA B 80 -21.12 -16.97 -3.87
CA ALA B 80 -21.22 -15.83 -4.77
C ALA B 80 -20.22 -15.95 -5.92
N THR B 81 -18.98 -16.33 -5.60
CA THR B 81 -17.90 -16.24 -6.59
C THR B 81 -18.11 -17.24 -7.73
N TYR B 82 -18.44 -18.50 -7.40
CA TYR B 82 -18.52 -19.53 -8.42
C TYR B 82 -19.84 -19.41 -9.17
N LEU B 83 -20.87 -18.85 -8.53
CA LEU B 83 -22.09 -18.49 -9.24
C LEU B 83 -21.73 -17.51 -10.36
N GLY B 84 -21.02 -16.44 -9.99
CA GLY B 84 -20.64 -15.44 -10.96
C GLY B 84 -19.75 -16.02 -12.05
N HIS B 85 -18.81 -16.90 -11.64
CA HIS B 85 -17.83 -17.47 -12.56
C HIS B 85 -18.46 -18.46 -13.54
N LEU B 86 -19.34 -19.35 -13.04
CA LEU B 86 -19.97 -20.35 -13.89
C LEU B 86 -20.78 -19.67 -15.00
N LEU B 87 -21.54 -18.63 -14.63
CA LEU B 87 -22.46 -17.96 -15.54
C LEU B 87 -21.74 -16.96 -16.44
N ASN B 88 -20.72 -16.26 -15.91
CA ASN B 88 -20.22 -15.05 -16.55
C ASN B 88 -18.70 -15.02 -16.74
N GLY B 89 -18.00 -16.07 -16.30
CA GLY B 89 -16.55 -16.10 -16.38
C GLY B 89 -16.07 -17.03 -17.49
N ASN B 90 -14.75 -17.03 -17.70
CA ASN B 90 -14.12 -17.90 -18.68
C ASN B 90 -13.53 -19.08 -17.92
N LEU B 91 -14.12 -20.27 -18.12
CA LEU B 91 -13.79 -21.43 -17.30
C LEU B 91 -12.46 -22.04 -17.72
N VAL B 92 -12.01 -21.74 -18.94
CA VAL B 92 -10.76 -22.29 -19.46
C VAL B 92 -9.58 -21.51 -18.90
N THR B 93 -9.64 -20.16 -18.92
CA THR B 93 -8.57 -19.33 -18.40
C THR B 93 -8.74 -19.07 -16.90
N ASP B 94 -9.92 -19.36 -16.35
CA ASP B 94 -10.17 -19.21 -14.92
C ASP B 94 -10.15 -17.73 -14.53
N LEU B 95 -10.69 -16.86 -15.40
CA LEU B 95 -10.75 -15.44 -15.18
C LEU B 95 -12.19 -14.96 -15.29
N LEU B 96 -12.57 -14.06 -14.38
CA LEU B 96 -13.87 -13.43 -14.35
C LEU B 96 -13.69 -11.92 -14.32
N SER B 97 -14.44 -11.22 -15.18
CA SER B 97 -14.54 -9.78 -15.16
C SER B 97 -15.59 -9.37 -14.13
N ILE B 98 -15.27 -8.37 -13.30
CA ILE B 98 -16.23 -7.92 -12.31
C ILE B 98 -17.20 -6.91 -12.93
N GLY B 99 -17.01 -6.63 -14.22
CA GLY B 99 -17.88 -5.71 -14.94
C GLY B 99 -18.34 -6.32 -16.26
N GLY B 100 -17.96 -5.66 -17.36
CA GLY B 100 -18.39 -6.08 -18.69
C GLY B 100 -17.30 -6.84 -19.44
N ALA B 101 -17.50 -6.98 -20.74
CA ALA B 101 -16.64 -7.79 -21.59
C ALA B 101 -15.27 -7.15 -21.73
N THR B 102 -14.24 -7.98 -21.80
CA THR B 102 -12.88 -7.49 -21.91
C THR B 102 -12.05 -8.59 -22.57
N PRO B 103 -11.05 -8.23 -23.42
CA PRO B 103 -10.06 -9.21 -23.89
C PRO B 103 -9.23 -9.84 -22.77
N LYS B 104 -9.22 -9.23 -21.59
CA LYS B 104 -8.37 -9.69 -20.50
C LYS B 104 -8.81 -11.05 -19.94
N THR B 105 -10.04 -11.51 -20.23
CA THR B 105 -10.48 -12.81 -19.76
C THR B 105 -10.03 -13.90 -20.74
N GLY B 106 -9.48 -13.48 -21.89
CA GLY B 106 -8.86 -14.41 -22.83
C GLY B 106 -9.80 -14.76 -23.99
N PRO B 107 -9.41 -15.76 -24.81
CA PRO B 107 -10.23 -16.20 -25.96
C PRO B 107 -11.66 -16.56 -25.58
N PRO B 108 -12.68 -15.95 -26.22
CA PRO B 108 -14.06 -16.17 -25.80
C PRO B 108 -14.51 -17.63 -25.94
N PRO B 109 -15.43 -18.12 -25.07
CA PRO B 109 -15.91 -19.49 -25.15
C PRO B 109 -16.89 -19.71 -26.31
N PRO B 110 -17.22 -20.98 -26.67
CA PRO B 110 -18.23 -21.25 -27.69
C PRO B 110 -19.63 -20.77 -27.30
N PRO B 111 -20.34 -20.05 -28.19
CA PRO B 111 -21.73 -19.66 -27.93
C PRO B 111 -22.57 -20.89 -27.60
N PRO B 112 -23.66 -20.77 -26.81
CA PRO B 112 -24.16 -19.49 -26.29
C PRO B 112 -23.49 -18.92 -25.04
N ALA B 113 -22.39 -19.53 -24.59
CA ALA B 113 -21.62 -18.97 -23.48
C ALA B 113 -20.90 -17.72 -23.96
N HIS B 114 -20.54 -16.85 -23.01
CA HIS B 114 -20.14 -15.48 -23.33
C HIS B 114 -18.94 -15.02 -22.49
N ALA B 115 -18.87 -15.40 -21.21
CA ALA B 115 -17.85 -14.89 -20.31
C ALA B 115 -17.84 -13.36 -20.31
N GLY B 116 -19.04 -12.76 -20.23
CA GLY B 116 -19.23 -11.33 -20.43
C GLY B 116 -19.19 -10.53 -19.12
N GLY B 117 -18.90 -11.21 -17.99
CA GLY B 117 -18.65 -10.55 -16.72
C GLY B 117 -19.94 -10.35 -15.94
N LEU B 118 -19.83 -9.78 -14.73
CA LEU B 118 -20.94 -9.64 -13.78
C LEU B 118 -22.02 -8.67 -14.29
N ASN B 119 -21.72 -7.87 -15.32
CA ASN B 119 -22.70 -6.97 -15.90
C ASN B 119 -23.84 -7.71 -16.61
N VAL B 120 -23.61 -8.97 -17.04
CA VAL B 120 -24.61 -9.68 -17.82
C VAL B 120 -25.88 -9.88 -17.01
N HIS B 121 -27.00 -9.40 -17.56
CA HIS B 121 -28.28 -9.37 -16.86
C HIS B 121 -29.04 -10.66 -17.12
N GLY B 122 -29.87 -11.09 -16.16
CA GLY B 122 -30.88 -12.09 -16.47
C GLY B 122 -30.85 -13.31 -15.56
N THR B 123 -29.66 -13.81 -15.21
CA THR B 123 -29.58 -15.02 -14.40
C THR B 123 -28.96 -14.70 -13.03
N PHE B 124 -27.95 -13.81 -12.98
CA PHE B 124 -27.38 -13.36 -11.72
C PHE B 124 -27.80 -11.92 -11.42
N GLU B 125 -27.11 -10.93 -12.03
CA GLU B 125 -27.49 -9.53 -11.89
C GLU B 125 -28.96 -9.37 -12.27
N GLY B 126 -29.70 -8.60 -11.47
CA GLY B 126 -31.08 -8.23 -11.77
C GLY B 126 -31.50 -6.91 -11.11
N ASP B 127 -32.81 -6.82 -10.86
CA ASP B 127 -33.53 -5.56 -10.75
C ASP B 127 -33.78 -5.16 -9.29
N ALA B 128 -34.15 -3.89 -9.09
CA ALA B 128 -34.51 -3.35 -7.79
C ALA B 128 -33.27 -3.25 -6.88
N GLY B 129 -32.15 -2.85 -7.47
CA GLY B 129 -30.94 -2.59 -6.70
C GLY B 129 -31.08 -1.30 -5.90
N MET B 130 -30.11 -1.02 -5.03
CA MET B 130 -30.13 0.14 -4.17
C MET B 130 -29.50 1.37 -4.85
N THR B 131 -28.34 1.20 -5.51
CA THR B 131 -27.64 2.32 -6.13
C THR B 131 -27.44 2.06 -7.63
N ARG B 132 -28.02 0.99 -8.17
CA ARG B 132 -27.99 0.73 -9.61
C ARG B 132 -29.40 0.57 -10.17
N ALA B 133 -29.61 1.13 -11.37
CA ALA B 133 -30.91 1.11 -12.04
C ALA B 133 -31.09 -0.23 -12.77
N ASP B 134 -32.36 -0.61 -12.97
CA ASP B 134 -32.69 -1.82 -13.70
C ASP B 134 -32.13 -1.73 -15.12
N GLU B 135 -31.80 -2.90 -15.69
CA GLU B 135 -31.19 -3.01 -17.00
C GLU B 135 -32.11 -2.47 -18.09
N PHE B 136 -33.43 -2.58 -17.89
CA PHE B 136 -34.40 -2.09 -18.86
C PHE B 136 -34.16 -0.61 -19.20
N PHE B 137 -33.64 0.17 -18.23
CA PHE B 137 -33.45 1.59 -18.42
C PHE B 137 -32.11 1.92 -19.07
N GLY B 138 -31.26 0.93 -19.35
CA GLY B 138 -30.08 1.15 -20.19
C GLY B 138 -28.74 0.97 -19.49
N ASP B 139 -28.68 0.92 -18.15
CA ASP B 139 -27.39 0.84 -17.47
C ASP B 139 -27.55 0.19 -16.09
N ASN B 140 -27.05 -1.04 -15.97
CA ASN B 140 -27.27 -1.85 -14.77
C ASN B 140 -26.03 -1.88 -13.88
N HIS B 141 -25.00 -1.08 -14.20
CA HIS B 141 -23.70 -1.20 -13.54
C HIS B 141 -23.25 0.11 -12.89
N SER B 142 -23.56 1.25 -13.52
CA SER B 142 -23.11 2.54 -13.02
C SER B 142 -23.85 2.94 -11.75
N PHE B 143 -23.14 3.62 -10.85
CA PHE B 143 -23.77 4.31 -9.74
C PHE B 143 -24.79 5.31 -10.27
N ASN B 144 -25.94 5.37 -9.60
CA ASN B 144 -27.05 6.24 -9.97
C ASN B 144 -27.38 7.14 -8.78
N GLN B 145 -27.14 8.45 -8.95
CA GLN B 145 -27.25 9.43 -7.87
C GLN B 145 -28.70 9.56 -7.40
N THR B 146 -29.67 9.48 -8.31
CA THR B 146 -31.08 9.58 -7.95
C THR B 146 -31.45 8.45 -6.98
N LEU B 147 -30.97 7.24 -7.26
CA LEU B 147 -31.25 6.11 -6.39
C LEU B 147 -30.56 6.27 -5.03
N PHE B 148 -29.34 6.82 -5.04
CA PHE B 148 -28.63 7.08 -3.80
C PHE B 148 -29.35 8.16 -2.99
N ASP B 149 -30.00 9.11 -3.68
CA ASP B 149 -30.77 10.15 -3.00
C ASP B 149 -31.92 9.50 -2.21
N LYS B 150 -32.51 8.45 -2.77
CA LYS B 150 -33.58 7.73 -2.12
C LYS B 150 -33.04 6.90 -0.95
N PHE B 151 -31.83 6.35 -1.10
CA PHE B 151 -31.13 5.70 0.00
C PHE B 151 -30.99 6.67 1.17
N VAL B 152 -30.59 7.91 0.87
CA VAL B 152 -30.38 8.93 1.88
C VAL B 152 -31.73 9.29 2.53
N ASP B 153 -32.75 9.48 1.70
CA ASP B 153 -34.08 9.87 2.16
C ASP B 153 -34.62 8.82 3.14
N PHE B 154 -34.51 7.53 2.78
CA PHE B 154 -35.04 6.47 3.62
C PHE B 154 -34.24 6.39 4.92
N SER B 155 -32.93 6.64 4.86
CA SER B 155 -32.11 6.66 6.07
C SER B 155 -32.55 7.80 6.99
N ASN B 156 -32.86 8.97 6.39
CA ASN B 156 -33.37 10.11 7.13
C ASN B 156 -34.72 9.76 7.77
N ARG B 157 -35.58 9.04 7.05
CA ARG B 157 -36.95 8.83 7.47
C ARG B 157 -37.07 7.71 8.50
N TYR B 158 -36.17 6.70 8.46
CA TYR B 158 -36.34 5.51 9.29
C TYR B 158 -35.12 5.19 10.14
N GLY B 159 -33.96 5.81 9.90
CA GLY B 159 -32.75 5.45 10.60
C GLY B 159 -31.99 6.62 11.21
N GLY B 160 -32.67 7.74 11.47
CA GLY B 160 -32.05 8.88 12.12
C GLY B 160 -30.92 9.49 11.28
N GLY B 161 -30.95 9.28 9.96
CA GLY B 161 -29.95 9.78 9.04
C GLY B 161 -28.83 8.77 8.77
N PHE B 162 -28.98 7.54 9.30
CA PHE B 162 -28.05 6.45 9.08
C PHE B 162 -28.79 5.26 8.47
N TYR B 163 -28.04 4.36 7.82
CA TYR B 163 -28.62 3.15 7.27
C TYR B 163 -28.52 2.02 8.29
N ASN B 164 -29.67 1.45 8.67
CA ASN B 164 -29.74 0.35 9.63
C ASN B 164 -30.81 -0.63 9.15
N LEU B 165 -31.04 -1.70 9.92
CA LEU B 165 -31.93 -2.78 9.50
C LEU B 165 -33.34 -2.28 9.19
N THR B 166 -33.85 -1.34 9.99
CA THR B 166 -35.18 -0.79 9.77
C THR B 166 -35.25 -0.17 8.38
N VAL B 167 -34.23 0.62 8.05
CA VAL B 167 -34.16 1.32 6.77
C VAL B 167 -34.13 0.28 5.65
N ALA B 168 -33.34 -0.78 5.82
CA ALA B 168 -33.20 -1.82 4.81
C ALA B 168 -34.56 -2.43 4.48
N GLY B 169 -35.34 -2.75 5.52
CA GLY B 169 -36.68 -3.31 5.31
C GLY B 169 -37.53 -2.42 4.41
N GLU B 170 -37.55 -1.12 4.74
CA GLU B 170 -38.38 -0.15 4.04
C GLU B 170 -37.85 0.10 2.64
N LEU B 171 -36.54 0.27 2.49
CA LEU B 171 -35.97 0.58 1.18
C LEU B 171 -36.17 -0.58 0.21
N ARG B 172 -36.00 -1.82 0.70
CA ARG B 172 -36.07 -2.99 -0.17
C ARG B 172 -37.45 -3.04 -0.82
N TYR B 173 -38.49 -2.89 0.01
CA TYR B 173 -39.87 -2.94 -0.45
C TYR B 173 -40.13 -1.83 -1.47
N SER B 174 -39.74 -0.60 -1.11
CA SER B 174 -40.02 0.56 -1.92
C SER B 174 -39.36 0.44 -3.29
N ARG B 175 -38.13 -0.10 -3.33
CA ARG B 175 -37.45 -0.30 -4.60
C ARG B 175 -38.19 -1.34 -5.46
N ILE B 176 -38.74 -2.37 -4.83
CA ILE B 176 -39.55 -3.34 -5.55
C ILE B 176 -40.74 -2.62 -6.19
N GLN B 177 -41.46 -1.80 -5.39
CA GLN B 177 -42.58 -1.03 -5.89
C GLN B 177 -42.17 -0.13 -7.07
N ASP B 178 -41.00 0.53 -7.00
CA ASP B 178 -40.53 1.38 -8.08
C ASP B 178 -40.44 0.60 -9.39
N SER B 179 -39.89 -0.60 -9.32
CA SER B 179 -39.64 -1.40 -10.52
C SER B 179 -40.95 -1.96 -11.08
N ILE B 180 -41.88 -2.34 -10.18
CA ILE B 180 -43.20 -2.79 -10.61
C ILE B 180 -43.86 -1.70 -11.45
N ALA B 181 -43.77 -0.45 -10.98
CA ALA B 181 -44.52 0.65 -11.56
C ALA B 181 -43.88 1.18 -12.83
N THR B 182 -42.58 0.94 -13.04
CA THR B 182 -41.88 1.66 -14.10
C THR B 182 -41.19 0.71 -15.08
N ASN B 183 -41.02 -0.57 -14.72
CA ASN B 183 -40.23 -1.49 -15.53
C ASN B 183 -41.13 -2.62 -16.00
N PRO B 184 -41.51 -2.64 -17.28
CA PRO B 184 -42.38 -3.70 -17.79
C PRO B 184 -41.74 -5.09 -17.92
N GLU B 185 -40.39 -5.15 -17.87
CA GLU B 185 -39.65 -6.40 -17.94
C GLU B 185 -39.17 -6.85 -16.55
N PHE B 186 -39.72 -6.25 -15.48
CA PHE B 186 -39.25 -6.49 -14.13
C PHE B 186 -39.38 -7.96 -13.76
N GLN B 187 -38.26 -8.54 -13.33
CA GLN B 187 -38.19 -9.90 -12.82
C GLN B 187 -37.67 -9.85 -11.40
N PHE B 188 -38.23 -10.69 -10.52
CA PHE B 188 -37.74 -10.75 -9.15
C PHE B 188 -37.90 -12.18 -8.64
N LYS B 189 -37.18 -13.10 -9.28
CA LYS B 189 -37.31 -14.51 -8.99
C LYS B 189 -35.93 -15.18 -8.95
N ASN B 190 -35.90 -16.40 -8.44
CA ASN B 190 -34.74 -17.27 -8.53
C ASN B 190 -33.54 -16.58 -7.87
N VAL B 191 -32.45 -16.44 -8.62
CA VAL B 191 -31.22 -15.94 -8.04
C VAL B 191 -31.47 -14.54 -7.49
N ARG B 192 -32.16 -13.71 -8.28
CA ARG B 192 -32.31 -12.32 -7.90
C ARG B 192 -33.12 -12.20 -6.61
N PHE B 193 -34.13 -13.04 -6.44
CA PHE B 193 -34.98 -12.94 -5.27
C PHE B 193 -34.16 -13.21 -4.00
N ILE B 194 -33.17 -14.11 -4.08
CA ILE B 194 -32.38 -14.44 -2.91
C ILE B 194 -31.32 -13.34 -2.68
N THR B 195 -30.61 -12.92 -3.75
CA THR B 195 -29.49 -12.01 -3.61
C THR B 195 -29.98 -10.63 -3.20
N ALA B 196 -31.20 -10.26 -3.57
CA ALA B 196 -31.72 -8.92 -3.33
C ALA B 196 -31.92 -8.64 -1.83
N TYR B 197 -32.13 -9.67 -1.02
CA TYR B 197 -32.34 -9.44 0.41
C TYR B 197 -30.98 -9.38 1.11
N GLY B 198 -30.06 -10.27 0.72
CA GLY B 198 -28.71 -10.29 1.28
C GLY B 198 -27.98 -8.97 1.03
N GLU B 199 -28.13 -8.43 -0.18
CA GLU B 199 -27.40 -7.25 -0.59
C GLU B 199 -27.79 -6.06 0.31
N THR B 200 -29.02 -6.07 0.87
CA THR B 200 -29.49 -4.91 1.61
C THR B 200 -28.91 -4.88 3.01
N VAL B 201 -28.37 -6.02 3.51
CA VAL B 201 -27.77 -6.04 4.84
C VAL B 201 -26.25 -6.02 4.76
N PHE B 202 -25.67 -6.22 3.58
CA PHE B 202 -24.21 -6.20 3.45
C PHE B 202 -23.66 -4.87 3.94
N PRO B 203 -24.28 -3.72 3.61
CA PRO B 203 -23.80 -2.43 4.11
C PRO B 203 -23.72 -2.32 5.63
N ILE B 204 -24.61 -3.01 6.34
CA ILE B 204 -24.63 -2.99 7.79
C ILE B 204 -23.53 -3.90 8.32
N ASN B 205 -23.45 -5.13 7.80
CA ASN B 205 -22.60 -6.15 8.39
C ASN B 205 -21.16 -5.99 7.93
N LEU B 206 -20.94 -5.40 6.74
CA LEU B 206 -19.59 -5.38 6.15
C LEU B 206 -19.05 -3.97 5.91
N PHE B 207 -19.91 -2.96 5.75
CA PHE B 207 -19.43 -1.62 5.41
C PHE B 207 -19.31 -0.77 6.68
N VAL B 208 -19.98 -1.20 7.76
CA VAL B 208 -19.80 -0.56 9.05
C VAL B 208 -18.50 -1.06 9.66
N ASP B 209 -17.68 -0.11 10.14
CA ASP B 209 -16.39 -0.40 10.72
C ASP B 209 -16.51 -1.48 11.80
N GLY B 210 -15.53 -2.39 11.84
CA GLY B 210 -15.58 -3.55 12.73
C GLY B 210 -15.44 -3.20 14.21
N ARG B 211 -14.90 -2.02 14.51
CA ARG B 211 -14.72 -1.57 15.88
C ARG B 211 -16.04 -1.09 16.47
N VAL B 212 -17.08 -0.92 15.65
CA VAL B 212 -18.41 -0.57 16.14
C VAL B 212 -19.15 -1.86 16.50
N THR B 213 -19.32 -2.13 17.80
CA THR B 213 -19.86 -3.41 18.26
C THR B 213 -21.35 -3.29 18.57
N THR B 214 -21.82 -2.06 18.81
CA THR B 214 -23.21 -1.85 19.21
C THR B 214 -23.87 -0.83 18.27
N ASP B 215 -25.15 -1.05 17.95
CA ASP B 215 -25.95 -0.06 17.26
C ASP B 215 -25.32 0.19 15.88
N ARG B 216 -25.12 -0.89 15.13
CA ARG B 216 -24.37 -0.83 13.89
C ARG B 216 -25.25 -0.13 12.85
N LYS B 217 -24.67 0.89 12.22
CA LYS B 217 -25.37 1.77 11.31
C LYS B 217 -24.34 2.45 10.43
N LEU B 218 -24.72 2.72 9.17
CA LEU B 218 -23.78 3.23 8.19
C LEU B 218 -24.07 4.70 7.91
N SER B 219 -23.04 5.53 7.97
CA SER B 219 -23.18 6.94 7.64
C SER B 219 -23.28 7.11 6.14
N MET B 220 -23.85 8.23 5.69
CA MET B 220 -24.01 8.46 4.26
C MET B 220 -22.68 8.83 3.62
N GLU B 221 -21.74 9.39 4.39
CA GLU B 221 -20.40 9.68 3.92
C GLU B 221 -19.70 8.39 3.53
N ASP B 222 -19.77 7.38 4.40
CA ASP B 222 -19.16 6.08 4.18
C ASP B 222 -19.88 5.34 3.07
N ALA B 223 -21.21 5.39 3.06
CA ALA B 223 -21.97 4.81 1.95
C ALA B 223 -21.51 5.40 0.63
N ALA B 224 -21.39 6.73 0.54
CA ALA B 224 -21.05 7.36 -0.73
C ALA B 224 -19.63 6.93 -1.14
N SER B 225 -18.74 6.87 -0.16
CA SER B 225 -17.35 6.53 -0.41
C SER B 225 -17.26 5.16 -1.10
N ILE B 226 -18.02 4.18 -0.61
CA ILE B 226 -17.96 2.82 -1.13
C ILE B 226 -18.79 2.68 -2.40
N PHE B 227 -20.07 3.07 -2.32
CA PHE B 227 -21.02 2.86 -3.42
C PHE B 227 -20.64 3.67 -4.65
N ARG B 228 -20.15 4.90 -4.46
CA ARG B 228 -19.88 5.79 -5.57
C ARG B 228 -18.40 5.79 -5.93
N ASP B 229 -17.51 5.98 -4.96
CA ASP B 229 -16.12 6.27 -5.26
C ASP B 229 -15.24 5.03 -5.21
N MET B 230 -15.78 3.89 -4.72
CA MET B 230 -15.05 2.63 -4.65
CA MET B 230 -15.05 2.64 -4.64
C MET B 230 -13.86 2.77 -3.69
N ARG B 231 -14.09 3.49 -2.57
CA ARG B 231 -13.04 3.85 -1.64
C ARG B 231 -13.46 3.46 -0.23
N PHE B 232 -12.58 2.75 0.48
CA PHE B 232 -12.77 2.51 1.90
C PHE B 232 -12.78 3.83 2.66
N PRO B 233 -13.62 3.98 3.70
CA PRO B 233 -13.45 5.09 4.64
C PRO B 233 -12.01 5.15 5.18
N ASP B 234 -11.58 6.35 5.55
CA ASP B 234 -10.31 6.53 6.22
C ASP B 234 -10.23 5.60 7.43
N ASP B 235 -9.10 4.91 7.59
CA ASP B 235 -8.83 4.08 8.77
C ASP B 235 -9.86 2.95 8.90
N PHE B 236 -10.36 2.44 7.77
CA PHE B 236 -11.44 1.47 7.83
C PHE B 236 -10.92 0.14 8.36
N HIS B 237 -11.62 -0.39 9.36
CA HIS B 237 -11.34 -1.71 9.93
C HIS B 237 -12.49 -2.64 9.59
N ARG B 238 -12.15 -3.81 9.04
CA ARG B 238 -13.16 -4.78 8.64
C ARG B 238 -13.91 -5.33 9.85
N SER B 239 -15.05 -5.97 9.59
CA SER B 239 -15.81 -6.72 10.57
C SER B 239 -14.89 -7.56 11.47
N ALA B 240 -15.25 -7.67 12.75
CA ALA B 240 -14.43 -8.38 13.71
C ALA B 240 -14.70 -9.88 13.64
N VAL B 241 -15.76 -10.27 12.91
CA VAL B 241 -16.10 -11.67 12.71
C VAL B 241 -16.43 -11.85 11.24
N PRO B 242 -16.18 -13.05 10.65
CA PRO B 242 -16.68 -13.35 9.31
C PRO B 242 -18.18 -13.11 9.28
N ALA B 243 -18.67 -12.47 8.21
CA ALA B 243 -20.07 -12.10 8.12
C ALA B 243 -20.55 -12.11 6.67
N SER B 244 -21.87 -12.05 6.52
CA SER B 244 -22.52 -12.02 5.21
C SER B 244 -23.91 -11.43 5.37
N ASN B 245 -24.93 -12.30 5.44
CA ASN B 245 -26.32 -11.87 5.24
C ASN B 245 -27.14 -11.93 6.53
N GLU B 246 -26.50 -11.74 7.68
CA GLU B 246 -27.22 -11.69 8.95
C GLU B 246 -28.23 -10.53 8.91
N GLY B 247 -29.50 -10.85 9.20
CA GLY B 247 -30.57 -9.86 9.27
C GLY B 247 -31.47 -9.88 8.03
N ALA B 248 -31.10 -10.63 6.99
CA ALA B 248 -31.85 -10.66 5.75
C ALA B 248 -33.26 -11.20 5.98
N ASP B 249 -33.40 -12.16 6.91
CA ASP B 249 -34.70 -12.69 7.32
C ASP B 249 -35.63 -11.56 7.79
N GLN B 250 -35.09 -10.64 8.59
CA GLN B 250 -35.88 -9.56 9.17
C GLN B 250 -36.30 -8.56 8.11
N VAL B 251 -35.47 -8.37 7.07
CA VAL B 251 -35.78 -7.45 5.99
C VAL B 251 -36.99 -7.98 5.22
N LEU B 252 -37.03 -9.29 4.99
CA LEU B 252 -38.16 -9.92 4.33
C LEU B 252 -39.41 -9.84 5.21
N ALA B 253 -39.22 -10.03 6.52
CA ALA B 253 -40.35 -10.08 7.44
C ALA B 253 -41.06 -8.73 7.54
N ALA B 254 -40.32 -7.62 7.37
CA ALA B 254 -40.89 -6.29 7.42
C ALA B 254 -41.93 -6.05 6.32
N HIS B 255 -41.73 -6.66 5.14
CA HIS B 255 -42.68 -6.55 4.04
C HIS B 255 -42.68 -7.85 3.23
N PRO B 256 -43.38 -8.89 3.73
CA PRO B 256 -43.42 -10.19 3.05
C PRO B 256 -43.67 -10.06 1.55
N TRP B 257 -42.90 -10.80 0.76
CA TRP B 257 -42.95 -10.67 -0.68
C TRP B 257 -42.68 -12.02 -1.33
N VAL B 258 -43.25 -12.22 -2.52
CA VAL B 258 -43.24 -13.51 -3.17
C VAL B 258 -42.52 -13.34 -4.51
N PRO B 259 -41.61 -14.26 -4.88
CA PRO B 259 -40.96 -14.20 -6.19
C PRO B 259 -41.97 -14.12 -7.32
N GLY B 260 -41.60 -13.41 -8.39
CA GLY B 260 -42.43 -13.30 -9.57
C GLY B 260 -41.90 -12.20 -10.49
N GLY B 261 -42.81 -11.54 -11.21
CA GLY B 261 -42.43 -10.52 -12.17
C GLY B 261 -43.65 -9.88 -12.83
N ASN B 262 -43.39 -8.77 -13.55
CA ASN B 262 -44.39 -8.14 -14.39
C ASN B 262 -44.62 -8.99 -15.63
N ALA B 263 -45.88 -9.39 -15.87
CA ALA B 263 -46.23 -10.24 -17.00
C ALA B 263 -46.63 -9.40 -18.20
N ASP B 264 -46.39 -9.96 -19.40
CA ASP B 264 -46.94 -9.48 -20.66
C ASP B 264 -46.48 -8.05 -20.95
N ASN B 265 -45.22 -7.75 -20.63
CA ASN B 265 -44.57 -6.51 -21.01
C ASN B 265 -45.43 -5.32 -20.58
N GLN B 266 -45.96 -5.36 -19.35
CA GLN B 266 -46.79 -4.30 -18.81
C GLN B 266 -46.40 -3.99 -17.36
N VAL B 267 -46.48 -2.70 -17.00
CA VAL B 267 -46.23 -2.27 -15.63
C VAL B 267 -47.44 -2.59 -14.77
N ASN B 268 -47.26 -2.44 -13.44
CA ASN B 268 -48.26 -2.70 -12.42
C ASN B 268 -49.01 -4.00 -12.71
N ASN B 269 -48.28 -5.07 -13.01
CA ASN B 269 -48.88 -6.33 -13.41
C ASN B 269 -48.03 -7.49 -12.86
N TYR B 270 -47.81 -7.49 -11.53
CA TYR B 270 -46.90 -8.45 -10.93
C TYR B 270 -47.65 -9.75 -10.68
N VAL B 271 -47.09 -10.86 -11.21
CA VAL B 271 -47.64 -12.19 -11.06
C VAL B 271 -46.66 -13.04 -10.26
N GLU B 272 -47.16 -13.78 -9.26
CA GLU B 272 -46.32 -14.66 -8.47
CA GLU B 272 -46.33 -14.67 -8.47
C GLU B 272 -45.84 -15.83 -9.34
N ASP B 273 -44.61 -16.30 -9.09
CA ASP B 273 -44.09 -17.53 -9.67
C ASP B 273 -43.91 -18.54 -8.54
N PRO B 274 -44.75 -19.60 -8.47
CA PRO B 274 -44.65 -20.57 -7.37
C PRO B 274 -43.53 -21.60 -7.49
N ASP B 275 -42.88 -21.68 -8.67
CA ASP B 275 -41.77 -22.59 -8.93
C ASP B 275 -40.41 -21.98 -8.56
N SER B 276 -40.37 -20.67 -8.35
CA SER B 276 -39.11 -19.99 -8.06
C SER B 276 -38.55 -20.46 -6.72
N ALA B 277 -37.22 -20.37 -6.60
CA ALA B 277 -36.59 -20.47 -5.29
C ALA B 277 -37.12 -19.37 -4.37
N ASP B 278 -37.11 -19.66 -3.07
CA ASP B 278 -37.35 -18.67 -2.03
C ASP B 278 -36.56 -19.09 -0.79
N PHE B 279 -36.85 -18.50 0.38
CA PHE B 279 -35.96 -18.66 1.53
C PHE B 279 -36.22 -19.96 2.28
N THR B 280 -37.34 -20.64 2.00
CA THR B 280 -37.58 -21.97 2.54
C THR B 280 -37.39 -23.02 1.46
N HIS B 281 -36.89 -22.61 0.28
CA HIS B 281 -36.69 -23.51 -0.85
C HIS B 281 -35.40 -23.15 -1.59
N LEU B 282 -34.27 -23.15 -0.88
CA LEU B 282 -33.03 -22.61 -1.40
C LEU B 282 -32.40 -23.52 -2.45
N CYS B 283 -32.56 -24.83 -2.31
CA CYS B 283 -31.92 -25.77 -3.23
C CYS B 283 -32.47 -25.59 -4.65
N ARG B 284 -33.67 -25.01 -4.78
CA ARG B 284 -34.20 -24.69 -6.10
C ARG B 284 -33.26 -23.75 -6.84
N LEU B 285 -32.62 -22.83 -6.10
CA LEU B 285 -31.66 -21.92 -6.71
C LEU B 285 -30.51 -22.73 -7.31
N TYR B 286 -30.00 -23.71 -6.55
CA TYR B 286 -28.93 -24.58 -7.00
C TYR B 286 -29.35 -25.29 -8.29
N GLU B 287 -30.53 -25.90 -8.29
CA GLU B 287 -30.98 -26.71 -9.42
C GLU B 287 -31.17 -25.81 -10.64
N PHE B 288 -31.76 -24.63 -10.41
CA PHE B 288 -31.99 -23.67 -11.48
C PHE B 288 -30.67 -23.28 -12.16
N VAL B 289 -29.66 -22.94 -11.35
CA VAL B 289 -28.39 -22.46 -11.87
C VAL B 289 -27.69 -23.57 -12.64
N VAL B 290 -27.72 -24.80 -12.12
CA VAL B 290 -27.13 -25.94 -12.82
C VAL B 290 -27.79 -26.09 -14.19
N GLY B 291 -29.12 -25.94 -14.23
CA GLY B 291 -29.84 -25.88 -15.49
C GLY B 291 -29.31 -24.79 -16.43
N SER B 292 -29.14 -23.57 -15.90
CA SER B 292 -28.67 -22.45 -16.70
C SER B 292 -27.29 -22.73 -17.29
N VAL B 293 -26.43 -23.39 -16.51
CA VAL B 293 -25.09 -23.70 -16.98
C VAL B 293 -25.15 -24.67 -18.17
N GLN B 294 -26.08 -25.63 -18.12
CA GLN B 294 -26.25 -26.59 -19.21
C GLN B 294 -26.70 -25.87 -20.49
N GLU B 295 -27.53 -24.82 -20.35
CA GLU B 295 -27.96 -24.04 -21.51
C GLU B 295 -26.77 -23.32 -22.12
N LEU B 296 -25.85 -22.80 -21.29
CA LEU B 296 -24.66 -22.11 -21.78
C LEU B 296 -23.66 -23.09 -22.38
N TYR B 297 -23.55 -24.27 -21.77
CA TYR B 297 -22.56 -25.25 -22.19
C TYR B 297 -23.25 -26.58 -22.46
N PRO B 298 -23.97 -26.72 -23.60
CA PRO B 298 -24.77 -27.92 -23.85
C PRO B 298 -23.97 -29.18 -24.19
N ASN B 299 -22.73 -29.03 -24.68
CA ASN B 299 -21.92 -30.17 -25.06
C ASN B 299 -20.44 -29.81 -25.05
N PRO B 300 -19.86 -29.47 -23.88
CA PRO B 300 -18.42 -29.17 -23.79
C PRO B 300 -17.56 -30.44 -23.86
N THR B 301 -16.29 -30.31 -24.28
CA THR B 301 -15.53 -31.50 -24.65
C THR B 301 -14.17 -31.61 -23.97
N GLY B 302 -13.47 -30.53 -23.67
CA GLY B 302 -12.05 -30.71 -23.43
C GLY B 302 -11.65 -30.27 -22.03
N ILE B 303 -10.67 -29.37 -22.01
CA ILE B 303 -10.29 -28.63 -20.81
C ILE B 303 -11.53 -27.90 -20.29
N LEU B 304 -12.41 -27.46 -21.20
CA LEU B 304 -13.62 -26.75 -20.82
C LEU B 304 -14.55 -27.66 -20.02
N ARG B 305 -14.79 -28.89 -20.50
CA ARG B 305 -15.64 -29.84 -19.80
C ARG B 305 -15.04 -30.13 -18.42
N ARG B 306 -13.74 -30.35 -18.39
CA ARG B 306 -13.05 -30.67 -17.15
C ARG B 306 -13.23 -29.55 -16.13
N ASN B 307 -13.01 -28.30 -16.57
CA ASN B 307 -13.07 -27.16 -15.66
C ASN B 307 -14.50 -26.86 -15.24
N LEU B 308 -15.49 -27.20 -16.06
CA LEU B 308 -16.89 -27.09 -15.66
C LEU B 308 -17.19 -28.03 -14.51
N ILE B 309 -16.71 -29.26 -14.62
CA ILE B 309 -16.96 -30.26 -13.60
C ILE B 309 -16.36 -29.79 -12.27
N LYS B 310 -15.14 -29.27 -12.32
CA LYS B 310 -14.46 -28.84 -11.11
C LYS B 310 -15.16 -27.63 -10.47
N ASN B 311 -15.48 -26.61 -11.28
CA ASN B 311 -16.08 -25.39 -10.79
C ASN B 311 -17.48 -25.68 -10.23
N LEU B 312 -18.20 -26.61 -10.83
CA LEU B 312 -19.52 -26.99 -10.33
C LEU B 312 -19.38 -27.61 -8.95
N HIS B 313 -18.37 -28.48 -8.80
CA HIS B 313 -18.08 -29.12 -7.51
C HIS B 313 -17.69 -28.06 -6.49
N TYR B 314 -16.77 -27.17 -6.86
CA TYR B 314 -16.35 -26.11 -5.96
C TYR B 314 -17.56 -25.33 -5.47
N TRP B 315 -18.45 -24.95 -6.39
CA TRP B 315 -19.63 -24.19 -6.02
C TRP B 315 -20.44 -24.98 -5.00
N TRP B 316 -20.64 -26.27 -5.29
CA TRP B 316 -21.45 -27.10 -4.42
C TRP B 316 -20.91 -27.11 -3.00
N THR B 317 -19.57 -27.10 -2.83
CA THR B 317 -19.00 -27.22 -1.49
C THR B 317 -19.52 -26.08 -0.61
N GLY B 318 -19.66 -24.88 -1.20
CA GLY B 318 -20.21 -23.73 -0.51
C GLY B 318 -21.74 -23.81 -0.40
N VAL B 319 -22.41 -24.20 -1.48
CA VAL B 319 -23.87 -24.22 -1.51
C VAL B 319 -24.38 -25.18 -0.43
N ASN B 320 -23.69 -26.31 -0.28
CA ASN B 320 -24.12 -27.36 0.62
C ASN B 320 -24.23 -26.84 2.05
N VAL B 321 -23.21 -26.11 2.50
CA VAL B 321 -23.20 -25.53 3.83
C VAL B 321 -24.18 -24.36 3.89
N ALA B 322 -24.09 -23.45 2.92
CA ALA B 322 -24.84 -22.21 3.01
C ALA B 322 -26.35 -22.45 2.94
N PHE B 323 -26.78 -23.45 2.16
CA PHE B 323 -28.22 -23.66 1.93
C PHE B 323 -28.77 -24.74 2.86
N GLY B 324 -27.92 -25.31 3.73
CA GLY B 324 -28.36 -26.26 4.72
C GLY B 324 -28.58 -27.67 4.15
N GLY B 325 -27.82 -28.02 3.09
CA GLY B 325 -27.81 -29.37 2.53
C GLY B 325 -28.56 -29.43 1.19
N CYS B 326 -27.83 -29.67 0.09
CA CYS B 326 -28.42 -29.89 -1.23
C CYS B 326 -27.72 -31.08 -1.91
N ASP B 327 -28.51 -31.90 -2.60
CA ASP B 327 -27.95 -33.05 -3.29
C ASP B 327 -27.14 -32.56 -4.48
N GLU B 328 -25.87 -32.96 -4.54
CA GLU B 328 -24.98 -32.52 -5.61
C GLU B 328 -25.47 -33.10 -6.94
N LEU B 329 -25.46 -32.25 -7.99
CA LEU B 329 -25.79 -32.67 -9.35
C LEU B 329 -24.52 -32.76 -10.18
N PHE B 330 -24.53 -33.64 -11.19
CA PHE B 330 -23.35 -33.94 -11.99
C PHE B 330 -23.72 -33.95 -13.47
N PRO B 331 -24.07 -32.78 -14.05
CA PRO B 331 -24.57 -32.73 -15.42
C PRO B 331 -23.58 -33.16 -16.52
N TYR B 332 -22.29 -33.23 -16.19
CA TYR B 332 -21.30 -33.71 -17.15
C TYR B 332 -20.55 -34.92 -16.58
N GLY B 333 -21.17 -35.59 -15.61
CA GLY B 333 -20.54 -36.71 -14.94
C GLY B 333 -19.35 -36.29 -14.08
N GLN B 334 -18.45 -37.25 -13.84
CA GLN B 334 -17.30 -37.10 -12.97
CA GLN B 334 -17.31 -37.07 -12.97
C GLN B 334 -16.02 -37.11 -13.80
N LEU B 335 -14.90 -36.76 -13.15
CA LEU B 335 -13.63 -36.59 -13.84
C LEU B 335 -13.10 -37.93 -14.38
N GLN C 1 0.03 -10.45 23.60
CA GLN C 1 0.10 -9.36 22.58
C GLN C 1 1.37 -8.55 22.82
N GLY C 2 1.24 -7.23 23.09
CA GLY C 2 2.36 -6.31 23.06
C GLY C 2 3.36 -6.58 24.18
N VAL C 3 4.63 -6.74 23.80
CA VAL C 3 5.70 -7.10 24.72
C VAL C 3 6.74 -5.98 24.64
N ASP C 4 7.44 -5.74 25.76
CA ASP C 4 8.56 -4.81 25.79
C ASP C 4 9.85 -5.61 25.68
N PRO C 5 10.59 -5.57 24.54
CA PRO C 5 11.70 -6.50 24.30
C PRO C 5 12.99 -6.21 25.06
N PRO C 6 13.53 -7.19 25.82
CA PRO C 6 14.75 -6.96 26.60
C PRO C 6 15.96 -6.92 25.67
N PRO C 7 17.08 -6.29 26.09
CA PRO C 7 18.30 -6.33 25.28
C PRO C 7 18.84 -7.75 25.21
N PRO C 8 19.68 -8.07 24.19
CA PRO C 8 20.17 -9.42 24.05
C PRO C 8 21.05 -9.82 25.24
N PRO C 9 21.03 -11.10 25.62
CA PRO C 9 22.01 -11.63 26.57
C PRO C 9 23.42 -11.35 26.08
N GLY C 10 24.35 -11.22 27.05
CA GLY C 10 25.78 -11.20 26.76
C GLY C 10 26.33 -12.62 26.65
N PRO C 11 27.67 -12.78 26.56
CA PRO C 11 28.30 -14.11 26.51
C PRO C 11 27.93 -14.94 27.74
N PRO C 12 27.95 -16.29 27.65
CA PRO C 12 27.67 -17.10 28.83
C PRO C 12 28.81 -16.97 29.86
N SER C 13 28.48 -17.14 31.14
CA SER C 13 29.46 -17.03 32.22
C SER C 13 30.62 -17.98 31.99
N PHE C 14 30.30 -19.24 31.65
CA PHE C 14 31.29 -20.27 31.40
C PHE C 14 31.37 -20.49 29.89
N THR C 15 32.57 -20.42 29.31
CA THR C 15 32.74 -20.53 27.86
C THR C 15 33.61 -21.72 27.48
N GLY C 16 33.83 -22.68 28.38
CA GLY C 16 34.58 -23.89 28.03
C GLY C 16 33.66 -25.00 27.51
N THR C 17 34.23 -26.19 27.23
CA THR C 17 33.43 -27.32 26.77
C THR C 17 32.61 -27.83 27.93
N LYS C 18 31.53 -28.52 27.56
CA LYS C 18 30.68 -29.22 28.50
C LYS C 18 29.81 -30.20 27.71
N LEU C 19 29.22 -31.15 28.43
CA LEU C 19 28.25 -32.07 27.85
C LEU C 19 26.98 -31.27 27.62
N VAL C 20 26.48 -31.26 26.37
CA VAL C 20 25.26 -30.52 26.07
C VAL C 20 24.12 -31.49 25.80
N ASN C 21 24.45 -32.69 25.30
CA ASN C 21 23.49 -33.77 25.15
C ASN C 21 23.34 -34.49 26.49
N ASP C 22 22.57 -33.92 27.41
CA ASP C 22 22.58 -34.33 28.81
C ASP C 22 21.14 -34.68 29.22
N ALA C 23 20.96 -35.03 30.49
CA ALA C 23 19.70 -35.59 30.97
C ALA C 23 18.58 -34.58 30.86
N ASP C 24 18.91 -33.29 31.08
CA ASP C 24 17.91 -32.24 31.08
C ASP C 24 17.54 -31.80 29.66
N HIS C 25 18.31 -32.21 28.66
CA HIS C 25 18.08 -31.80 27.28
C HIS C 25 17.99 -33.04 26.37
N PRO C 26 17.02 -33.94 26.62
CA PRO C 26 16.89 -35.15 25.80
C PRO C 26 16.30 -34.83 24.42
N TRP C 27 16.74 -35.57 23.40
CA TRP C 27 16.08 -35.55 22.12
C TRP C 27 14.66 -36.11 22.28
N GLN C 28 13.69 -35.46 21.64
CA GLN C 28 12.32 -35.95 21.61
C GLN C 28 11.76 -35.74 20.21
N PRO C 29 10.84 -36.63 19.75
CA PRO C 29 10.29 -36.51 18.41
C PRO C 29 9.32 -35.34 18.29
N LEU C 30 9.12 -34.89 17.05
CA LEU C 30 8.22 -33.79 16.74
C LEU C 30 6.79 -34.17 17.12
N ARG C 31 6.06 -33.22 17.71
CA ARG C 31 4.62 -33.35 17.86
C ARG C 31 3.94 -32.56 16.74
N GLU C 32 2.67 -32.86 16.50
CA GLU C 32 1.87 -32.07 15.57
C GLU C 32 1.92 -30.61 16.02
N GLY C 33 2.27 -29.71 15.10
CA GLY C 33 2.29 -28.29 15.41
C GLY C 33 3.69 -27.76 15.67
N ASP C 34 4.63 -28.63 16.02
CA ASP C 34 6.03 -28.25 16.19
C ASP C 34 6.59 -27.83 14.84
N ILE C 35 7.43 -26.78 14.88
CA ILE C 35 7.97 -26.15 13.68
C ILE C 35 9.47 -26.37 13.61
N ARG C 36 9.93 -26.72 12.41
CA ARG C 36 11.34 -26.86 12.09
C ARG C 36 11.57 -26.21 10.73
N GLY C 37 12.83 -25.89 10.40
CA GLY C 37 13.10 -25.06 9.25
C GLY C 37 14.46 -25.34 8.63
N PRO C 38 15.08 -24.35 7.98
CA PRO C 38 16.31 -24.57 7.22
C PRO C 38 17.62 -24.59 7.99
N CYS C 39 17.57 -24.28 9.30
CA CYS C 39 18.74 -24.24 10.15
C CYS C 39 18.86 -25.53 10.97
N PRO C 40 19.89 -26.36 10.69
CA PRO C 40 20.15 -27.55 11.51
C PRO C 40 20.54 -27.22 12.95
N GLY C 41 21.14 -26.04 13.16
CA GLY C 41 21.50 -25.61 14.49
C GLY C 41 20.28 -25.39 15.37
N LEU C 42 19.39 -24.50 14.93
CA LEU C 42 18.19 -24.18 15.68
C LEU C 42 17.29 -25.42 15.77
N ASN C 43 17.28 -26.23 14.71
CA ASN C 43 16.45 -27.42 14.68
C ASN C 43 16.86 -28.36 15.81
N THR C 44 18.18 -28.58 15.96
CA THR C 44 18.70 -29.47 16.99
C THR C 44 18.43 -28.90 18.38
N LEU C 45 18.60 -27.58 18.54
CA LEU C 45 18.38 -26.95 19.83
C LEU C 45 16.92 -27.11 20.26
N ALA C 46 16.00 -27.02 19.30
CA ALA C 46 14.58 -27.18 19.61
C ALA C 46 14.27 -28.64 19.95
N SER C 47 14.84 -29.58 19.19
CA SER C 47 14.52 -30.98 19.41
C SER C 47 15.18 -31.54 20.68
N HIS C 48 16.12 -30.79 21.29
CA HIS C 48 16.70 -31.17 22.58
C HIS C 48 16.21 -30.28 23.73
N GLY C 49 15.27 -29.37 23.48
CA GLY C 49 14.68 -28.55 24.53
C GLY C 49 15.56 -27.38 25.00
N TYR C 50 16.61 -27.01 24.25
CA TYR C 50 17.34 -25.77 24.52
C TYR C 50 16.49 -24.56 24.10
N LEU C 51 15.77 -24.70 22.99
CA LEU C 51 14.71 -23.79 22.60
C LEU C 51 13.37 -24.42 22.95
N PRO C 52 12.26 -23.67 22.96
CA PRO C 52 10.94 -24.28 22.96
C PRO C 52 10.83 -25.32 21.85
N ARG C 53 10.25 -26.48 22.17
CA ARG C 53 10.23 -27.65 21.29
C ARG C 53 9.27 -27.40 20.12
N ASP C 54 8.38 -26.41 20.24
CA ASP C 54 7.48 -26.08 19.15
C ASP C 54 8.16 -25.20 18.10
N GLY C 55 9.38 -24.74 18.36
CA GLY C 55 10.18 -24.08 17.34
C GLY C 55 9.79 -22.61 17.16
N VAL C 56 9.13 -22.03 18.17
CA VAL C 56 8.78 -20.63 18.21
C VAL C 56 9.36 -20.03 19.49
N ALA C 57 10.18 -18.99 19.33
CA ALA C 57 10.99 -18.49 20.45
C ALA C 57 11.22 -16.98 20.34
N THR C 58 11.61 -16.37 21.47
CA THR C 58 12.04 -14.99 21.51
C THR C 58 13.48 -14.92 21.01
N PRO C 59 13.92 -13.75 20.49
CA PRO C 59 15.34 -13.52 20.20
C PRO C 59 16.28 -13.90 21.34
N ALA C 60 15.94 -13.47 22.56
CA ALA C 60 16.77 -13.74 23.72
C ALA C 60 16.93 -15.23 23.94
N GLN C 61 15.84 -16.00 23.81
CA GLN C 61 15.90 -17.45 23.98
C GLN C 61 16.81 -18.10 22.93
N ILE C 62 16.75 -17.60 21.70
CA ILE C 62 17.55 -18.14 20.61
C ILE C 62 19.04 -17.89 20.90
N ILE C 63 19.36 -16.69 21.40
CA ILE C 63 20.75 -16.35 21.65
C ILE C 63 21.30 -17.22 22.78
N THR C 64 20.56 -17.32 23.89
CA THR C 64 21.04 -18.08 25.03
CA THR C 64 21.05 -18.08 25.04
C THR C 64 21.18 -19.55 24.62
N ALA C 65 20.26 -20.04 23.77
CA ALA C 65 20.26 -21.43 23.32
C ALA C 65 21.47 -21.77 22.46
N THR C 66 21.81 -20.89 21.51
CA THR C 66 22.93 -21.14 20.62
C THR C 66 24.23 -21.10 21.42
N GLN C 67 24.28 -20.27 22.45
CA GLN C 67 25.44 -20.18 23.32
C GLN C 67 25.53 -21.41 24.22
N GLU C 68 24.44 -21.75 24.91
CA GLU C 68 24.46 -22.89 25.82
C GLU C 68 24.75 -24.18 25.06
N GLY C 69 24.10 -24.35 23.91
CA GLY C 69 24.11 -25.63 23.22
C GLY C 69 25.36 -25.84 22.37
N PHE C 70 25.91 -24.76 21.79
CA PHE C 70 26.96 -24.92 20.79
C PHE C 70 28.15 -23.99 21.04
N ASN C 71 28.03 -23.08 22.01
CA ASN C 71 29.04 -22.06 22.24
C ASN C 71 29.19 -21.16 21.02
N PHE C 72 28.06 -20.84 20.37
CA PHE C 72 28.08 -19.86 19.30
C PHE C 72 28.49 -18.52 19.91
N GLU C 73 29.40 -17.80 19.25
CA GLU C 73 29.90 -16.54 19.78
C GLU C 73 28.77 -15.49 19.84
N ASN C 74 28.75 -14.74 20.94
CA ASN C 74 27.67 -13.83 21.31
C ASN C 74 27.28 -12.89 20.18
N ASN C 75 28.25 -12.22 19.58
CA ASN C 75 27.96 -11.20 18.57
C ASN C 75 27.46 -11.86 17.29
N ALA C 76 27.98 -13.04 16.96
CA ALA C 76 27.50 -13.79 15.80
C ALA C 76 26.04 -14.20 16.00
N ALA C 77 25.72 -14.63 17.22
CA ALA C 77 24.36 -14.98 17.58
C ALA C 77 23.43 -13.77 17.49
N ILE C 78 23.93 -12.60 17.89
CA ILE C 78 23.14 -11.39 17.85
C ILE C 78 22.89 -11.00 16.40
N VAL C 79 23.95 -11.05 15.58
CA VAL C 79 23.83 -10.68 14.18
C VAL C 79 22.81 -11.56 13.47
N ALA C 80 22.89 -12.89 13.67
CA ALA C 80 21.99 -13.81 12.98
C ALA C 80 20.56 -13.69 13.52
N THR C 81 20.40 -13.59 14.85
CA THR C 81 19.09 -13.71 15.45
C THR C 81 18.22 -12.51 15.07
N TYR C 82 18.77 -11.29 15.20
CA TYR C 82 17.97 -10.09 15.01
C TYR C 82 17.77 -9.82 13.51
N LEU C 83 18.71 -10.27 12.68
CA LEU C 83 18.48 -10.28 11.25
C LEU C 83 17.24 -11.11 10.95
N GLY C 84 17.21 -12.35 11.45
CA GLY C 84 16.06 -13.23 11.22
C GLY C 84 14.78 -12.65 11.80
N HIS C 85 14.86 -12.03 12.98
CA HIS C 85 13.69 -11.50 13.67
C HIS C 85 13.14 -10.24 12.97
N LEU C 86 14.02 -9.32 12.56
CA LEU C 86 13.58 -8.10 11.91
C LEU C 86 12.82 -8.43 10.62
N LEU C 87 13.36 -9.37 9.83
CA LEU C 87 12.83 -9.71 8.52
C LEU C 87 11.63 -10.66 8.62
N ASN C 88 11.67 -11.61 9.58
CA ASN C 88 10.80 -12.77 9.53
C ASN C 88 10.01 -13.01 10.82
N GLY C 89 10.21 -12.18 11.84
CA GLY C 89 9.55 -12.39 13.14
C GLY C 89 8.46 -11.37 13.40
N ASN C 90 7.74 -11.55 14.50
CA ASN C 90 6.68 -10.64 14.91
C ASN C 90 7.25 -9.73 16.00
N LEU C 91 7.41 -8.45 15.68
CA LEU C 91 8.15 -7.54 16.56
C LEU C 91 7.30 -7.12 17.76
N VAL C 92 5.98 -7.27 17.64
CA VAL C 92 5.06 -6.85 18.69
C VAL C 92 5.00 -7.92 19.78
N THR C 93 4.88 -9.20 19.40
CA THR C 93 4.87 -10.30 20.36
C THR C 93 6.27 -10.79 20.68
N ASP C 94 7.29 -10.39 19.90
CA ASP C 94 8.66 -10.76 20.15
C ASP C 94 8.87 -12.25 19.96
N LEU C 95 8.20 -12.83 18.95
CA LEU C 95 8.30 -14.26 18.66
C LEU C 95 8.74 -14.44 17.20
N LEU C 96 9.64 -15.40 17.00
CA LEU C 96 10.12 -15.78 15.69
C LEU C 96 9.91 -17.29 15.51
N SER C 97 9.36 -17.68 14.36
CA SER C 97 9.30 -19.07 13.95
C SER C 97 10.61 -19.46 13.30
N ILE C 98 11.15 -20.63 13.67
CA ILE C 98 12.41 -21.07 13.08
C ILE C 98 12.12 -21.78 11.75
N GLY C 99 10.84 -21.88 11.39
CA GLY C 99 10.44 -22.48 10.14
C GLY C 99 9.46 -21.59 9.38
N GLY C 100 8.24 -22.09 9.18
CA GLY C 100 7.24 -21.39 8.39
C GLY C 100 6.20 -20.69 9.26
N ALA C 101 5.12 -20.24 8.63
CA ALA C 101 4.10 -19.42 9.27
C ALA C 101 3.32 -20.25 10.27
N THR C 102 2.91 -19.61 11.35
CA THR C 102 2.21 -20.31 12.41
C THR C 102 1.39 -19.28 13.16
N PRO C 103 0.18 -19.63 13.65
CA PRO C 103 -0.55 -18.77 14.59
C PRO C 103 0.19 -18.51 15.90
N LYS C 104 1.19 -19.33 16.22
CA LYS C 104 1.91 -19.22 17.48
C LYS C 104 2.72 -17.92 17.60
N THR C 105 3.00 -17.22 16.48
CA THR C 105 3.71 -15.95 16.55
C THR C 105 2.74 -14.82 16.85
N GLY C 106 1.43 -15.12 16.81
CA GLY C 106 0.40 -14.15 17.20
C GLY C 106 -0.24 -13.47 15.98
N PRO C 107 -1.08 -12.44 16.21
CA PRO C 107 -1.71 -11.68 15.14
C PRO C 107 -0.71 -11.18 14.09
N PRO C 108 -0.91 -11.48 12.78
CA PRO C 108 0.07 -11.11 11.77
C PRO C 108 0.25 -9.60 11.65
N PRO C 109 1.46 -9.11 11.32
CA PRO C 109 1.71 -7.67 11.18
C PRO C 109 1.11 -7.10 9.90
N PRO C 110 1.03 -5.76 9.76
CA PRO C 110 0.54 -5.13 8.52
C PRO C 110 1.43 -5.43 7.33
N PRO C 111 0.86 -5.85 6.17
CA PRO C 111 1.65 -6.06 4.97
C PRO C 111 2.41 -4.78 4.61
N PRO C 112 3.57 -4.84 3.92
CA PRO C 112 4.14 -6.08 3.41
C PRO C 112 4.96 -6.95 4.38
N ALA C 113 4.94 -6.61 5.68
CA ALA C 113 5.55 -7.48 6.68
C ALA C 113 4.69 -8.74 6.83
N HIS C 114 5.28 -9.83 7.31
CA HIS C 114 4.66 -11.16 7.23
C HIS C 114 4.88 -11.98 8.50
N ALA C 115 6.05 -11.87 9.13
CA ALA C 115 6.40 -12.70 10.27
C ALA C 115 6.25 -14.18 9.93
N GLY C 116 6.74 -14.56 8.75
CA GLY C 116 6.50 -15.89 8.19
C GLY C 116 7.61 -16.88 8.50
N GLY C 117 8.58 -16.46 9.34
CA GLY C 117 9.59 -17.36 9.87
C GLY C 117 10.78 -17.48 8.92
N LEU C 118 11.79 -18.26 9.34
CA LEU C 118 13.07 -18.37 8.65
C LEU C 118 12.93 -19.04 7.29
N ASN C 119 11.79 -19.70 7.01
CA ASN C 119 11.55 -20.32 5.72
C ASN C 119 11.44 -19.30 4.59
N VAL C 120 11.05 -18.06 4.90
CA VAL C 120 10.79 -17.06 3.87
C VAL C 120 12.06 -16.81 3.04
N HIS C 121 11.93 -16.96 1.72
CA HIS C 121 13.03 -16.90 0.79
C HIS C 121 13.27 -15.46 0.33
N GLY C 122 14.53 -15.11 0.07
CA GLY C 122 14.79 -13.96 -0.77
C GLY C 122 15.70 -12.91 -0.15
N THR C 123 15.58 -12.67 1.17
CA THR C 123 16.37 -11.63 1.82
CA THR C 123 16.42 -11.64 1.78
C THR C 123 17.31 -12.25 2.86
N PHE C 124 16.86 -13.32 3.55
CA PHE C 124 17.74 -14.07 4.45
C PHE C 124 18.06 -15.43 3.85
N GLU C 125 17.16 -16.42 4.03
CA GLU C 125 17.31 -17.73 3.41
C GLU C 125 17.53 -17.58 1.91
N GLY C 126 18.49 -18.33 1.36
CA GLY C 126 18.71 -18.39 -0.08
C GLY C 126 19.38 -19.69 -0.51
N ASP C 127 20.10 -19.59 -1.63
CA ASP C 127 20.35 -20.70 -2.53
C ASP C 127 21.75 -21.29 -2.32
N ALA C 128 21.95 -22.50 -2.87
CA ALA C 128 23.22 -23.20 -2.85
C ALA C 128 23.56 -23.65 -1.43
N GLY C 129 22.54 -24.13 -0.70
CA GLY C 129 22.76 -24.74 0.60
C GLY C 129 23.42 -26.11 0.45
N MET C 130 23.80 -26.71 1.58
CA MET C 130 24.51 -27.97 1.61
C MET C 130 23.55 -29.16 1.66
N THR C 131 22.52 -29.07 2.52
CA THR C 131 21.56 -30.15 2.68
C THR C 131 20.13 -29.71 2.36
N ARG C 132 19.96 -28.46 1.86
CA ARG C 132 18.65 -27.99 1.44
C ARG C 132 18.68 -27.50 -0.02
N ALA C 133 17.61 -27.80 -0.76
CA ALA C 133 17.50 -27.45 -2.17
C ALA C 133 17.02 -26.00 -2.29
N ASP C 134 17.40 -25.35 -3.41
CA ASP C 134 16.95 -24.00 -3.71
C ASP C 134 15.43 -23.94 -3.73
N GLU C 135 14.89 -22.77 -3.38
CA GLU C 135 13.45 -22.56 -3.22
C GLU C 135 12.72 -22.74 -4.55
N PHE C 136 13.41 -22.42 -5.66
CA PHE C 136 12.82 -22.56 -6.99
C PHE C 136 12.30 -23.98 -7.22
N PHE C 137 12.93 -24.99 -6.60
CA PHE C 137 12.58 -26.38 -6.84
C PHE C 137 11.46 -26.85 -5.90
N GLY C 138 10.97 -25.99 -4.99
CA GLY C 138 9.71 -26.27 -4.30
C GLY C 138 9.83 -26.44 -2.78
N ASP C 139 11.04 -26.66 -2.24
CA ASP C 139 11.18 -26.90 -0.80
C ASP C 139 12.57 -26.48 -0.31
N ASN C 140 12.60 -25.36 0.44
CA ASN C 140 13.86 -24.75 0.83
C ASN C 140 14.21 -25.08 2.28
N HIS C 141 13.44 -25.96 2.94
CA HIS C 141 13.57 -26.14 4.38
C HIS C 141 13.87 -27.59 4.75
N SER C 142 13.28 -28.56 4.03
CA SER C 142 13.45 -29.96 4.34
C SER C 142 14.85 -30.44 3.99
N PHE C 143 15.35 -31.38 4.81
CA PHE C 143 16.54 -32.12 4.47
C PHE C 143 16.33 -32.83 3.12
N ASN C 144 17.38 -32.81 2.29
CA ASN C 144 17.35 -33.42 0.97
C ASN C 144 18.48 -34.43 0.87
N GLN C 145 18.09 -35.71 0.74
CA GLN C 145 19.01 -36.84 0.77
C GLN C 145 20.01 -36.79 -0.38
N THR C 146 19.56 -36.36 -1.57
CA THR C 146 20.43 -36.30 -2.73
C THR C 146 21.59 -35.34 -2.48
N LEU C 147 21.28 -34.18 -1.87
CA LEU C 147 22.30 -33.20 -1.57
C LEU C 147 23.25 -33.71 -0.48
N PHE C 148 22.70 -34.43 0.50
CA PHE C 148 23.53 -35.02 1.55
C PHE C 148 24.46 -36.09 0.94
N ASP C 149 23.98 -36.79 -0.10
CA ASP C 149 24.80 -37.79 -0.77
C ASP C 149 26.03 -37.12 -1.39
N LYS C 150 25.85 -35.90 -1.91
CA LYS C 150 26.94 -35.14 -2.50
C LYS C 150 27.88 -34.65 -1.40
N PHE C 151 27.33 -34.28 -0.24
CA PHE C 151 28.13 -33.93 0.94
C PHE C 151 29.04 -35.10 1.29
N VAL C 152 28.50 -36.33 1.29
CA VAL C 152 29.24 -37.52 1.63
C VAL C 152 30.33 -37.76 0.59
N ASP C 153 29.94 -37.66 -0.69
CA ASP C 153 30.84 -37.88 -1.80
C ASP C 153 32.04 -36.95 -1.72
N PHE C 154 31.79 -35.66 -1.49
CA PHE C 154 32.87 -34.67 -1.46
C PHE C 154 33.77 -34.92 -0.23
N SER C 155 33.19 -35.38 0.88
CA SER C 155 33.99 -35.72 2.04
C SER C 155 34.90 -36.92 1.75
N ASN C 156 34.36 -37.90 1.02
CA ASN C 156 35.12 -39.06 0.57
C ASN C 156 36.25 -38.62 -0.35
N ARG C 157 35.98 -37.66 -1.24
CA ARG C 157 36.90 -37.31 -2.30
C ARG C 157 38.00 -36.36 -1.83
N TYR C 158 37.72 -35.52 -0.81
CA TYR C 158 38.67 -34.47 -0.43
C TYR C 158 39.03 -34.49 1.05
N GLY C 159 38.32 -35.27 1.89
CA GLY C 159 38.53 -35.21 3.32
C GLY C 159 38.70 -36.58 3.98
N GLY C 160 39.10 -37.59 3.21
CA GLY C 160 39.34 -38.92 3.75
C GLY C 160 38.09 -39.54 4.37
N GLY C 161 36.90 -39.10 3.92
CA GLY C 161 35.64 -39.61 4.43
C GLY C 161 35.06 -38.78 5.56
N PHE C 162 35.72 -37.64 5.85
CA PHE C 162 35.27 -36.70 6.86
C PHE C 162 35.09 -35.32 6.22
N TYR C 163 34.29 -34.46 6.85
CA TYR C 163 34.12 -33.09 6.38
C TYR C 163 35.14 -32.18 7.09
N ASN C 164 35.97 -31.50 6.29
CA ASN C 164 36.98 -30.59 6.80
C ASN C 164 37.07 -29.38 5.87
N LEU C 165 37.98 -28.44 6.17
CA LEU C 165 38.04 -27.17 5.46
C LEU C 165 38.23 -27.36 3.96
N THR C 166 39.07 -28.32 3.57
CA THR C 166 39.32 -28.60 2.16
C THR C 166 38.00 -28.94 1.47
N VAL C 167 37.23 -29.84 2.11
CA VAL C 167 35.94 -30.29 1.58
C VAL C 167 35.01 -29.10 1.42
N ALA C 168 34.98 -28.22 2.43
CA ALA C 168 34.10 -27.05 2.43
C ALA C 168 34.39 -26.18 1.22
N GLY C 169 35.66 -25.91 0.93
CA GLY C 169 36.04 -25.12 -0.22
C GLY C 169 35.45 -25.69 -1.51
N GLU C 170 35.62 -27.01 -1.68
CA GLU C 170 35.20 -27.70 -2.90
C GLU C 170 33.68 -27.78 -2.96
N LEU C 171 33.02 -28.13 -1.86
CA LEU C 171 31.58 -28.30 -1.87
C LEU C 171 30.89 -26.96 -2.14
N ARG C 172 31.38 -25.88 -1.52
CA ARG C 172 30.75 -24.57 -1.65
C ARG C 172 30.68 -24.18 -3.12
N TYR C 173 31.82 -24.30 -3.82
CA TYR C 173 31.94 -23.94 -5.22
C TYR C 173 30.99 -24.79 -6.07
N SER C 174 31.05 -26.11 -5.86
CA SER C 174 30.31 -27.05 -6.67
C SER C 174 28.81 -26.80 -6.53
N ARG C 175 28.35 -26.47 -5.31
CA ARG C 175 26.94 -26.18 -5.09
C ARG C 175 26.53 -24.91 -5.82
N ILE C 176 27.43 -23.91 -5.87
CA ILE C 176 27.18 -22.70 -6.64
C ILE C 176 26.98 -23.08 -8.11
N GLN C 177 27.90 -23.90 -8.65
CA GLN C 177 27.80 -24.35 -10.04
C GLN C 177 26.47 -25.08 -10.28
N ASP C 178 26.04 -25.94 -9.35
CA ASP C 178 24.77 -26.66 -9.50
C ASP C 178 23.61 -25.68 -9.71
N SER C 179 23.58 -24.61 -8.91
CA SER C 179 22.46 -23.67 -8.93
C SER C 179 22.50 -22.80 -10.19
N ILE C 180 23.71 -22.42 -10.62
CA ILE C 180 23.87 -21.68 -11.87
C ILE C 180 23.23 -22.48 -13.01
N ALA C 181 23.51 -23.79 -13.05
CA ALA C 181 23.17 -24.62 -14.20
C ALA C 181 21.70 -25.03 -14.19
N THR C 182 21.04 -24.98 -13.02
CA THR C 182 19.73 -25.63 -12.90
C THR C 182 18.65 -24.67 -12.40
N ASN C 183 19.03 -23.51 -11.83
CA ASN C 183 18.08 -22.63 -11.19
C ASN C 183 18.09 -21.29 -11.92
N PRO C 184 17.05 -20.99 -12.73
CA PRO C 184 17.01 -19.71 -13.44
C PRO C 184 16.76 -18.47 -12.58
N GLU C 185 16.32 -18.66 -11.32
CA GLU C 185 16.08 -17.55 -10.39
C GLU C 185 17.21 -17.44 -9.37
N PHE C 186 18.35 -18.12 -9.62
CA PHE C 186 19.44 -18.20 -8.67
C PHE C 186 19.97 -16.82 -8.33
N GLN C 187 19.99 -16.52 -7.03
CA GLN C 187 20.58 -15.31 -6.47
C GLN C 187 21.68 -15.69 -5.49
N PHE C 188 22.77 -14.92 -5.47
CA PHE C 188 23.87 -15.19 -4.55
C PHE C 188 24.55 -13.88 -4.20
N LYS C 189 23.78 -12.98 -3.57
CA LYS C 189 24.26 -11.64 -3.26
C LYS C 189 23.83 -11.23 -1.86
N ASN C 190 24.43 -10.14 -1.37
CA ASN C 190 23.98 -9.48 -0.15
C ASN C 190 24.04 -10.47 1.01
N VAL C 191 22.92 -10.65 1.72
CA VAL C 191 22.92 -11.47 2.92
C VAL C 191 23.37 -12.89 2.56
N ARG C 192 22.85 -13.43 1.46
CA ARG C 192 23.11 -14.83 1.15
C ARG C 192 24.59 -15.04 0.84
N PHE C 193 25.22 -14.06 0.18
CA PHE C 193 26.62 -14.21 -0.19
C PHE C 193 27.48 -14.34 1.06
N ILE C 194 27.11 -13.61 2.13
CA ILE C 194 27.90 -13.64 3.36
C ILE C 194 27.61 -14.92 4.13
N THR C 195 26.33 -15.26 4.30
CA THR C 195 25.94 -16.37 5.16
C THR C 195 26.36 -17.70 4.54
N ALA C 196 26.45 -17.77 3.22
CA ALA C 196 26.75 -19.03 2.53
C ALA C 196 28.16 -19.51 2.81
N TYR C 197 29.10 -18.62 3.13
CA TYR C 197 30.46 -19.05 3.38
C TYR C 197 30.61 -19.46 4.84
N GLY C 198 29.99 -18.70 5.75
CA GLY C 198 30.05 -19.03 7.16
C GLY C 198 29.37 -20.37 7.45
N GLU C 199 28.25 -20.65 6.78
CA GLU C 199 27.50 -21.86 7.03
C GLU C 199 28.36 -23.09 6.71
N THR C 200 29.33 -22.97 5.81
CA THR C 200 30.09 -24.14 5.38
C THR C 200 31.17 -24.49 6.39
N VAL C 201 31.52 -23.56 7.29
CA VAL C 201 32.51 -23.86 8.32
C VAL C 201 31.86 -24.13 9.67
N PHE C 202 30.57 -23.84 9.83
CA PHE C 202 29.91 -24.08 11.10
C PHE C 202 30.00 -25.56 11.46
N PRO C 203 29.83 -26.51 10.52
CA PRO C 203 29.97 -27.93 10.85
C PRO C 203 31.32 -28.32 11.43
N ILE C 204 32.39 -27.62 11.02
CA ILE C 204 33.72 -27.88 11.53
C ILE C 204 33.88 -27.25 12.90
N ASN C 205 33.49 -25.99 13.05
CA ASN C 205 33.79 -25.24 14.28
C ASN C 205 32.80 -25.57 15.38
N LEU C 206 31.57 -25.98 15.05
CA LEU C 206 30.52 -26.13 16.05
C LEU C 206 29.96 -27.55 16.14
N PHE C 207 30.02 -28.35 15.07
CA PHE C 207 29.41 -29.68 15.08
C PHE C 207 30.45 -30.73 15.45
N VAL C 208 31.73 -30.40 15.32
CA VAL C 208 32.79 -31.26 15.79
C VAL C 208 32.91 -31.08 17.31
N ASP C 209 32.97 -32.22 18.00
CA ASP C 209 33.05 -32.28 19.45
C ASP C 209 34.18 -31.39 19.96
N GLY C 210 33.94 -30.68 21.07
CA GLY C 210 34.88 -29.68 21.59
C GLY C 210 36.14 -30.29 22.19
N ARG C 211 36.10 -31.60 22.50
CA ARG C 211 37.26 -32.29 23.04
C ARG C 211 38.28 -32.61 21.95
N VAL C 212 37.90 -32.45 20.67
CA VAL C 212 38.83 -32.67 19.56
C VAL C 212 39.58 -31.36 19.31
N THR C 213 40.87 -31.33 19.64
CA THR C 213 41.66 -30.10 19.61
C THR C 213 42.44 -29.96 18.32
N THR C 214 42.70 -31.09 17.64
CA THR C 214 43.59 -31.09 16.48
C THR C 214 42.90 -31.79 15.31
N ASP C 215 43.13 -31.24 14.09
CA ASP C 215 42.71 -31.92 12.87
C ASP C 215 41.18 -32.07 12.88
N ARG C 216 40.49 -30.96 13.10
CA ARG C 216 39.06 -30.99 13.38
C ARG C 216 38.31 -31.36 12.10
N LYS C 217 37.44 -32.38 12.21
CA LYS C 217 36.78 -32.96 11.05
C LYS C 217 35.52 -33.67 11.53
N LEU C 218 34.47 -33.66 10.69
CA LEU C 218 33.17 -34.15 11.10
C LEU C 218 32.87 -35.47 10.41
N SER C 219 32.45 -36.47 11.19
CA SER C 219 32.05 -37.76 10.64
C SER C 219 30.69 -37.66 9.98
N MET C 220 30.38 -38.58 9.07
CA MET C 220 29.12 -38.55 8.34
C MET C 220 27.97 -38.98 9.24
N GLU C 221 28.26 -39.80 10.25
CA GLU C 221 27.25 -40.23 11.22
C GLU C 221 26.75 -39.02 11.99
N ASP C 222 27.69 -38.20 12.45
CA ASP C 222 27.39 -36.99 13.22
C ASP C 222 26.72 -35.95 12.31
N ALA C 223 27.22 -35.79 11.08
CA ALA C 223 26.58 -34.91 10.13
C ALA C 223 25.11 -35.32 9.93
N ALA C 224 24.85 -36.60 9.71
CA ALA C 224 23.49 -37.05 9.45
C ALA C 224 22.60 -36.78 10.66
N SER C 225 23.17 -37.05 11.83
CA SER C 225 22.44 -36.90 13.07
C SER C 225 21.92 -35.47 13.22
N ILE C 226 22.75 -34.47 12.91
CA ILE C 226 22.38 -33.07 13.09
C ILE C 226 21.55 -32.58 11.90
N PHE C 227 22.08 -32.75 10.68
CA PHE C 227 21.47 -32.20 9.48
C PHE C 227 20.11 -32.83 9.19
N ARG C 228 19.96 -34.14 9.45
CA ARG C 228 18.72 -34.83 9.12
C ARG C 228 17.84 -34.98 10.36
N ASP C 229 18.40 -35.53 11.44
CA ASP C 229 17.57 -36.01 12.53
C ASP C 229 17.41 -34.99 13.65
N MET C 230 18.17 -33.87 13.58
CA MET C 230 18.06 -32.79 14.54
CA MET C 230 18.06 -32.78 14.55
C MET C 230 18.49 -33.28 15.92
N ARG C 231 19.54 -34.11 15.95
CA ARG C 231 19.97 -34.78 17.16
C ARG C 231 21.47 -34.60 17.35
N PHE C 232 21.86 -34.21 18.57
CA PHE C 232 23.26 -34.19 18.93
C PHE C 232 23.84 -35.60 18.89
N PRO C 233 25.11 -35.78 18.47
CA PRO C 233 25.84 -37.01 18.72
C PRO C 233 25.74 -37.44 20.19
N ASP C 234 25.83 -38.75 20.43
CA ASP C 234 25.89 -39.26 21.80
C ASP C 234 27.07 -38.61 22.51
N ASP C 235 26.84 -38.15 23.75
CA ASP C 235 27.90 -37.60 24.59
C ASP C 235 28.54 -36.35 23.95
N PHE C 236 27.75 -35.58 23.22
CA PHE C 236 28.32 -34.46 22.47
C PHE C 236 28.73 -33.34 23.44
N HIS C 237 29.97 -32.88 23.27
CA HIS C 237 30.52 -31.76 24.02
C HIS C 237 30.73 -30.58 23.06
N ARG C 238 30.23 -29.41 23.45
CA ARG C 238 30.28 -28.24 22.59
C ARG C 238 31.72 -27.77 22.44
N SER C 239 31.95 -26.90 21.46
CA SER C 239 33.22 -26.19 21.28
C SER C 239 33.75 -25.69 22.62
N ALA C 240 35.08 -25.71 22.77
CA ALA C 240 35.73 -25.32 24.00
C ALA C 240 35.92 -23.81 24.06
N VAL C 241 35.66 -23.14 22.95
CA VAL C 241 35.76 -21.68 22.86
C VAL C 241 34.54 -21.19 22.11
N PRO C 242 34.04 -19.97 22.40
CA PRO C 242 33.01 -19.36 21.56
C PRO C 242 33.53 -19.32 20.14
N ALA C 243 32.66 -19.68 19.18
CA ALA C 243 33.08 -19.78 17.79
C ALA C 243 31.93 -19.45 16.86
N SER C 244 32.30 -19.23 15.60
CA SER C 244 31.36 -18.99 14.54
C SER C 244 32.01 -19.36 13.21
N ASN C 245 32.54 -18.37 12.50
CA ASN C 245 32.83 -18.52 11.08
C ASN C 245 34.34 -18.51 10.80
N GLU C 246 35.14 -18.98 11.76
CA GLU C 246 36.57 -19.13 11.55
C GLU C 246 36.83 -20.06 10.36
N GLY C 247 37.61 -19.58 9.38
CA GLY C 247 38.01 -20.37 8.22
C GLY C 247 37.22 -20.01 6.96
N ALA C 248 36.20 -19.15 7.08
CA ALA C 248 35.34 -18.81 5.97
C ALA C 248 36.14 -18.08 4.88
N ASP C 249 37.14 -17.28 5.29
CA ASP C 249 38.06 -16.64 4.36
C ASP C 249 38.73 -17.66 3.43
N GLN C 250 39.18 -18.79 4.02
CA GLN C 250 39.91 -19.81 3.28
C GLN C 250 38.99 -20.53 2.30
N VAL C 251 37.70 -20.67 2.66
CA VAL C 251 36.73 -21.32 1.79
C VAL C 251 36.54 -20.48 0.53
N LEU C 252 36.47 -19.16 0.70
CA LEU C 252 36.36 -18.25 -0.44
C LEU C 252 37.64 -18.28 -1.27
N ALA C 253 38.79 -18.35 -0.61
CA ALA C 253 40.07 -18.27 -1.28
C ALA C 253 40.32 -19.48 -2.18
N ALA C 254 39.76 -20.65 -1.81
CA ALA C 254 39.89 -21.85 -2.60
C ALA C 254 39.24 -21.71 -3.99
N HIS C 255 38.16 -20.94 -4.09
CA HIS C 255 37.48 -20.71 -5.36
C HIS C 255 36.88 -19.31 -5.38
N PRO C 256 37.70 -18.26 -5.61
CA PRO C 256 37.22 -16.88 -5.55
C PRO C 256 35.93 -16.67 -6.33
N TRP C 257 34.98 -15.96 -5.72
CA TRP C 257 33.67 -15.82 -6.31
C TRP C 257 33.09 -14.44 -5.98
N VAL C 258 32.25 -13.94 -6.89
CA VAL C 258 31.76 -12.59 -6.81
C VAL C 258 30.24 -12.65 -6.69
N PRO C 259 29.63 -11.87 -5.77
CA PRO C 259 28.17 -11.82 -5.65
C PRO C 259 27.49 -11.52 -6.99
N GLY C 260 26.31 -12.11 -7.19
CA GLY C 260 25.52 -11.86 -8.38
C GLY C 260 24.37 -12.85 -8.48
N GLY C 261 23.99 -13.22 -9.71
CA GLY C 261 22.89 -14.13 -9.94
C GLY C 261 22.67 -14.41 -11.42
N ASN C 262 21.79 -15.38 -11.70
CA ASN C 262 21.33 -15.66 -13.05
C ASN C 262 20.36 -14.57 -13.49
N ALA C 263 20.65 -13.91 -14.62
CA ALA C 263 19.81 -12.84 -15.14
C ALA C 263 18.75 -13.38 -16.10
N ASP C 264 17.61 -12.68 -16.15
CA ASP C 264 16.59 -12.83 -17.18
C ASP C 264 16.03 -14.26 -17.21
N ASN C 265 15.83 -14.84 -16.03
CA ASN C 265 15.11 -16.10 -15.89
C ASN C 265 15.72 -17.16 -16.80
N GLN C 266 17.07 -17.23 -16.84
CA GLN C 266 17.79 -18.20 -17.66
C GLN C 266 18.94 -18.82 -16.88
N VAL C 267 19.20 -20.11 -17.12
CA VAL C 267 20.32 -20.80 -16.52
C VAL C 267 21.62 -20.42 -17.23
N ASN C 268 22.74 -20.83 -16.63
CA ASN C 268 24.08 -20.57 -17.13
C ASN C 268 24.24 -19.14 -17.61
N ASN C 269 23.79 -18.18 -16.79
CA ASN C 269 23.77 -16.78 -17.18
C ASN C 269 24.06 -15.90 -15.96
N TYR C 270 25.20 -16.18 -15.30
CA TYR C 270 25.53 -15.53 -14.04
C TYR C 270 26.15 -14.16 -14.33
N VAL C 271 25.56 -13.11 -13.75
CA VAL C 271 26.04 -11.74 -13.89
C VAL C 271 26.47 -11.24 -12.51
N GLU C 272 27.67 -10.63 -12.45
CA GLU C 272 28.18 -10.06 -11.22
CA GLU C 272 28.20 -10.03 -11.24
C GLU C 272 27.32 -8.85 -10.84
N ASP C 273 27.15 -8.65 -9.51
CA ASP C 273 26.54 -7.44 -8.96
C ASP C 273 27.61 -6.68 -8.19
N PRO C 274 28.09 -5.52 -8.69
CA PRO C 274 29.17 -4.79 -8.01
C PRO C 274 28.74 -3.96 -6.80
N ASP C 275 27.41 -3.80 -6.60
CA ASP C 275 26.84 -3.04 -5.50
C ASP C 275 26.60 -3.92 -4.26
N SER C 276 26.64 -5.25 -4.43
CA SER C 276 26.37 -6.17 -3.34
C SER C 276 27.44 -6.04 -2.26
N ALA C 277 27.04 -6.35 -1.02
CA ALA C 277 27.98 -6.58 0.05
C ALA C 277 28.91 -7.72 -0.33
N ASP C 278 30.13 -7.66 0.22
CA ASP C 278 31.07 -8.78 0.17
C ASP C 278 31.92 -8.71 1.44
N PHE C 279 33.04 -9.44 1.47
CA PHE C 279 33.75 -9.66 2.71
C PHE C 279 34.68 -8.48 3.05
N THR C 280 34.94 -7.58 2.09
CA THR C 280 35.68 -6.37 2.38
C THR C 280 34.72 -5.18 2.39
N HIS C 281 33.41 -5.43 2.31
CA HIS C 281 32.40 -4.38 2.28
C HIS C 281 31.18 -4.82 3.09
N LEU C 282 31.38 -5.11 4.37
CA LEU C 282 30.36 -5.75 5.19
C LEU C 282 29.25 -4.76 5.59
N CYS C 283 29.57 -3.50 5.79
CA CYS C 283 28.57 -2.53 6.22
C CYS C 283 27.50 -2.35 5.15
N ARG C 284 27.78 -2.70 3.89
CA ARG C 284 26.76 -2.72 2.86
C ARG C 284 25.62 -3.64 3.25
N LEU C 285 25.95 -4.76 3.88
CA LEU C 285 24.95 -5.72 4.33
C LEU C 285 24.04 -5.04 5.36
N TYR C 286 24.64 -4.30 6.29
CA TYR C 286 23.89 -3.56 7.30
C TYR C 286 22.92 -2.59 6.64
N GLU C 287 23.43 -1.79 5.69
CA GLU C 287 22.61 -0.75 5.06
C GLU C 287 21.49 -1.41 4.25
N PHE C 288 21.82 -2.47 3.53
CA PHE C 288 20.85 -3.20 2.73
C PHE C 288 19.70 -3.70 3.61
N VAL C 289 20.02 -4.36 4.74
CA VAL C 289 19.02 -4.96 5.60
C VAL C 289 18.12 -3.88 6.20
N VAL C 290 18.71 -2.76 6.65
CA VAL C 290 17.93 -1.66 7.18
C VAL C 290 16.96 -1.16 6.11
N GLY C 291 17.43 -1.08 4.87
CA GLY C 291 16.57 -0.79 3.73
C GLY C 291 15.41 -1.77 3.61
N SER C 292 15.71 -3.08 3.72
CA SER C 292 14.66 -4.09 3.59
C SER C 292 13.61 -3.93 4.68
N VAL C 293 14.05 -3.58 5.90
CA VAL C 293 13.13 -3.41 7.01
C VAL C 293 12.18 -2.25 6.73
N GLN C 294 12.69 -1.17 6.11
CA GLN C 294 11.87 -0.02 5.78
C GLN C 294 10.79 -0.41 4.77
N GLU C 295 11.13 -1.29 3.84
CA GLU C 295 10.15 -1.77 2.85
C GLU C 295 9.05 -2.56 3.55
N LEU C 296 9.40 -3.37 4.55
CA LEU C 296 8.42 -4.16 5.29
C LEU C 296 7.60 -3.26 6.22
N TYR C 297 8.22 -2.24 6.80
CA TYR C 297 7.57 -1.39 7.79
C TYR C 297 7.71 0.07 7.38
N PRO C 298 6.94 0.52 6.36
CA PRO C 298 7.16 1.84 5.78
C PRO C 298 6.74 3.03 6.62
N ASN C 299 5.81 2.86 7.58
CA ASN C 299 5.41 3.98 8.42
C ASN C 299 4.79 3.54 9.74
N PRO C 300 5.52 2.81 10.61
CA PRO C 300 4.98 2.36 11.91
C PRO C 300 4.87 3.47 12.95
N THR C 301 3.96 3.32 13.93
CA THR C 301 3.61 4.43 14.80
C THR C 301 3.61 4.08 16.29
N GLY C 302 3.36 2.84 16.71
CA GLY C 302 3.02 2.67 18.11
C GLY C 302 4.03 1.81 18.88
N ILE C 303 3.49 0.76 19.50
CA ILE C 303 4.30 -0.28 20.11
C ILE C 303 5.19 -0.90 19.02
N LEU C 304 4.68 -0.93 17.78
CA LEU C 304 5.43 -1.53 16.68
C LEU C 304 6.65 -0.67 16.35
N ARG C 305 6.48 0.66 16.27
CA ARG C 305 7.59 1.56 16.02
CA ARG C 305 7.58 1.59 16.05
C ARG C 305 8.63 1.42 17.14
N ARG C 306 8.17 1.37 18.39
CA ARG C 306 9.04 1.29 19.53
C ARG C 306 9.90 0.03 19.43
N ASN C 307 9.25 -1.12 19.14
CA ASN C 307 9.94 -2.39 19.13
C ASN C 307 10.88 -2.50 17.93
N LEU C 308 10.56 -1.82 16.83
CA LEU C 308 11.46 -1.74 15.69
C LEU C 308 12.74 -1.00 16.07
N ILE C 309 12.60 0.12 16.76
CA ILE C 309 13.74 0.93 17.14
C ILE C 309 14.67 0.11 18.02
N LYS C 310 14.09 -0.62 18.97
CA LYS C 310 14.89 -1.38 19.91
C LYS C 310 15.61 -2.53 19.20
N ASN C 311 14.88 -3.30 18.40
CA ASN C 311 15.46 -4.46 17.73
C ASN C 311 16.55 -4.03 16.75
N LEU C 312 16.35 -2.88 16.10
CA LEU C 312 17.37 -2.38 15.17
C LEU C 312 18.65 -2.04 15.93
N HIS C 313 18.49 -1.40 17.10
CA HIS C 313 19.63 -1.04 17.93
C HIS C 313 20.31 -2.32 18.43
N TYR C 314 19.53 -3.27 18.93
CA TYR C 314 20.09 -4.54 19.39
C TYR C 314 20.94 -5.15 18.29
N TRP C 315 20.40 -5.21 17.06
CA TRP C 315 21.12 -5.81 15.95
C TRP C 315 22.43 -5.06 15.75
N TRP C 316 22.37 -3.72 15.79
CA TRP C 316 23.56 -2.91 15.54
C TRP C 316 24.66 -3.25 16.54
N THR C 317 24.32 -3.53 17.81
CA THR C 317 25.33 -3.78 18.82
C THR C 317 26.21 -4.95 18.39
N GLY C 318 25.59 -5.97 17.77
CA GLY C 318 26.30 -7.11 17.22
C GLY C 318 27.02 -6.79 15.92
N VAL C 319 26.35 -6.06 15.02
CA VAL C 319 26.90 -5.76 13.72
C VAL C 319 28.19 -4.96 13.88
N ASN C 320 28.19 -4.05 14.84
CA ASN C 320 29.29 -3.12 15.02
C ASN C 320 30.59 -3.88 15.31
N VAL C 321 30.50 -4.85 16.22
CA VAL C 321 31.65 -5.65 16.58
C VAL C 321 31.96 -6.64 15.45
N ALA C 322 30.95 -7.35 14.97
CA ALA C 322 31.18 -8.42 14.02
C ALA C 322 31.72 -7.90 12.69
N PHE C 323 31.30 -6.72 12.26
CA PHE C 323 31.65 -6.22 10.94
C PHE C 323 32.82 -5.24 11.01
N GLY C 324 33.36 -5.02 12.23
CA GLY C 324 34.55 -4.21 12.39
C GLY C 324 34.26 -2.71 12.35
N GLY C 325 33.05 -2.29 12.74
CA GLY C 325 32.67 -0.89 12.84
C GLY C 325 31.75 -0.44 11.70
N CYS C 326 30.50 -0.06 12.03
CA CYS C 326 29.55 0.51 11.09
C CYS C 326 28.81 1.67 11.76
N ASP C 327 28.55 2.75 11.01
CA ASP C 327 27.74 3.84 11.52
C ASP C 327 26.29 3.37 11.67
N GLU C 328 25.76 3.54 12.87
CA GLU C 328 24.38 3.16 13.15
C GLU C 328 23.42 4.05 12.35
N LEU C 329 22.38 3.44 11.79
CA LEU C 329 21.28 4.14 11.12
C LEU C 329 20.04 4.21 12.03
N PHE C 330 19.21 5.24 11.83
CA PHE C 330 18.06 5.51 12.69
C PHE C 330 16.83 5.79 11.83
N PRO C 331 16.33 4.79 11.07
CA PRO C 331 15.22 5.03 10.15
C PRO C 331 13.90 5.45 10.78
N TYR C 332 13.74 5.21 12.09
CA TYR C 332 12.53 5.62 12.79
C TYR C 332 12.87 6.56 13.94
N GLY C 333 14.06 7.17 13.87
CA GLY C 333 14.52 8.06 14.92
C GLY C 333 14.77 7.33 16.24
N GLN C 334 14.55 8.04 17.36
CA GLN C 334 14.94 7.57 18.68
CA GLN C 334 14.93 7.55 18.68
C GLN C 334 13.67 7.36 19.52
N LEU C 335 13.82 6.73 20.70
CA LEU C 335 12.67 6.36 21.51
C LEU C 335 11.91 7.59 22.05
C1 NAG D . 10.55 11.56 -9.56
C2 NAG D . 11.00 11.32 -11.01
C3 NAG D . 12.45 10.80 -11.03
C4 NAG D . 13.39 11.71 -10.22
C5 NAG D . 12.80 11.91 -8.83
C6 NAG D . 13.61 12.89 -7.99
C7 NAG D . 8.96 10.15 -11.87
C8 NAG D . 8.27 10.73 -13.06
N2 NAG D . 10.28 10.35 -11.82
O3 NAG D . 12.87 10.70 -12.38
O4 NAG D . 14.67 11.10 -10.11
O5 NAG D . 11.48 12.44 -8.94
O6 NAG D . 13.73 14.18 -8.63
O7 NAG D . 8.37 9.47 -11.02
C1 NAG D . 15.84 11.78 -10.47
C2 NAG D . 16.98 11.17 -9.69
C3 NAG D . 18.28 11.90 -10.04
C4 NAG D . 18.52 11.89 -11.55
C5 NAG D . 17.28 12.43 -12.26
C6 NAG D . 17.35 12.35 -13.77
C7 NAG D . 16.28 10.09 -7.59
C8 NAG D . 16.37 10.13 -6.09
N2 NAG D . 16.78 11.15 -8.25
O3 NAG D . 19.29 11.22 -9.31
O4 NAG D . 19.62 12.73 -11.90
O5 NAG D . 16.13 11.66 -11.86
O6 NAG D . 17.60 11.02 -14.20
O7 NAG D . 15.77 9.14 -8.16
C1 BMA D . 20.89 12.18 -12.10
C2 BMA D . 21.71 13.16 -12.94
C3 BMA D . 23.17 12.73 -12.99
C4 BMA D . 23.72 12.48 -11.59
C5 BMA D . 22.86 11.50 -10.81
C6 BMA D . 23.26 11.41 -9.35
O2 BMA D . 21.52 14.49 -12.46
O3 BMA D . 23.94 13.74 -13.64
O4 BMA D . 25.04 11.93 -11.69
O5 BMA D . 21.48 11.94 -10.82
O6 BMA D . 22.38 10.55 -8.61
C1 MAN D . 24.19 13.61 -15.01
C2 MAN D . 25.60 14.14 -15.16
C3 MAN D . 25.59 15.68 -14.88
C4 MAN D . 24.57 16.39 -15.78
C5 MAN D . 23.18 15.74 -15.61
C6 MAN D . 22.11 16.32 -16.53
O2 MAN D . 26.15 13.70 -16.41
O3 MAN D . 26.90 16.24 -15.04
O4 MAN D . 24.50 17.79 -15.44
O5 MAN D . 23.27 14.31 -15.87
O6 MAN D . 22.33 16.07 -17.92
C1 MAN D . 22.91 9.78 -7.56
C2 MAN D . 21.99 8.57 -7.39
C3 MAN D . 20.67 8.89 -6.69
C4 MAN D . 20.91 9.69 -5.41
C5 MAN D . 21.80 10.93 -5.66
C6 MAN D . 22.15 11.62 -4.35
O2 MAN D . 22.68 7.53 -6.70
O3 MAN D . 19.96 7.69 -6.39
O4 MAN D . 19.66 10.13 -4.89
O5 MAN D . 23.05 10.55 -6.33
O6 MAN D . 23.15 12.65 -4.50
C1 NAG E . 8.37 16.32 15.93
C2 NAG E . 8.50 17.26 17.13
C3 NAG E . 9.62 16.80 18.05
C4 NAG E . 9.48 15.32 18.40
C5 NAG E . 9.33 14.49 17.12
C6 NAG E . 9.07 13.01 17.38
C7 NAG E . 7.83 19.62 17.04
C8 NAG E . 8.20 21.00 16.58
N2 NAG E . 8.70 18.64 16.74
O3 NAG E . 9.57 17.61 19.21
O4 NAG E . 10.64 14.93 19.14
O5 NAG E . 8.20 14.98 16.37
O6 NAG E . 8.05 12.81 18.36
O7 NAG E . 6.80 19.41 17.66
C1 NAG E . 10.61 15.07 20.52
C2 NAG E . 11.23 13.83 21.14
C3 NAG E . 11.25 13.99 22.66
C4 NAG E . 12.02 15.23 23.03
C5 NAG E . 11.43 16.47 22.34
C6 NAG E . 12.30 17.69 22.51
C7 NAG E . 11.14 11.71 19.96
C8 NAG E . 10.41 10.41 19.75
N2 NAG E . 10.59 12.58 20.82
O3 NAG E . 11.87 12.85 23.21
O4 NAG E . 12.00 15.36 24.46
O5 NAG E . 11.33 16.24 20.91
O6 NAG E . 12.47 18.43 21.31
O7 NAG E . 12.18 11.98 19.37
C1 BMA E . 13.23 15.79 24.96
C2 BMA E . 13.08 16.19 26.43
C3 BMA E . 14.44 16.63 26.96
C4 BMA E . 15.50 15.57 26.70
C5 BMA E . 15.55 15.26 25.19
C6 BMA E . 16.55 14.18 24.83
O2 BMA E . 12.48 15.13 27.18
O3 BMA E . 14.33 16.93 28.34
O4 BMA E . 16.79 16.02 27.12
O5 BMA E . 14.24 14.80 24.81
O6 BMA E . 16.38 13.04 25.66
C1 MAN E . 17.50 12.19 25.80
C2 MAN E . 16.95 10.82 26.16
C3 MAN E . 16.37 10.81 27.58
C4 MAN E . 17.29 11.45 28.60
C5 MAN E . 17.73 12.82 28.12
C6 MAN E . 18.72 13.53 29.05
O2 MAN E . 17.95 9.82 25.97
O3 MAN E . 16.06 9.47 27.98
O4 MAN E . 16.61 11.58 29.85
O5 MAN E . 18.37 12.68 26.82
O6 MAN E . 19.60 12.61 29.73
C1 MAN E . 14.87 9.37 28.69
C2 MAN E . 14.97 8.13 29.53
C3 MAN E . 14.98 6.88 28.64
C4 MAN E . 13.75 6.87 27.73
C5 MAN E . 13.71 8.17 26.92
C6 MAN E . 12.47 8.31 26.06
O2 MAN E . 13.89 8.12 30.46
O3 MAN E . 15.03 5.71 29.46
O4 MAN E . 13.81 5.76 26.84
O5 MAN E . 13.71 9.30 27.83
O6 MAN E . 12.73 9.16 24.95
C1 MAN E . 20.41 13.16 30.75
C2 MAN E . 21.69 13.67 30.10
C3 MAN E . 22.53 12.53 29.53
C4 MAN E . 22.71 11.37 30.52
C5 MAN E . 21.38 11.00 31.21
C6 MAN E . 21.56 10.04 32.37
O2 MAN E . 22.43 14.43 31.05
O3 MAN E . 23.81 13.05 29.15
O4 MAN E . 23.18 10.22 29.83
O5 MAN E . 20.72 12.17 31.75
O6 MAN E . 20.41 9.19 32.54
C1 MAN E . 14.12 18.27 28.67
C2 MAN E . 14.90 18.53 29.96
C3 MAN E . 14.15 18.19 31.27
C4 MAN E . 12.62 18.24 31.20
C5 MAN E . 12.03 17.88 29.84
C6 MAN E . 10.56 18.24 29.75
O2 MAN E . 15.38 19.88 29.98
O3 MAN E . 14.61 19.09 32.29
O4 MAN E . 12.05 17.30 32.13
O5 MAN E . 12.72 18.62 28.81
O6 MAN E . 10.23 18.85 28.52
C1 NAG F . -31.43 6.35 -12.26
C2 NAG F . -31.67 6.79 -13.70
C3 NAG F . -33.08 7.32 -13.88
C4 NAG F . -34.12 6.34 -13.36
C5 NAG F . -33.82 5.97 -11.91
C6 NAG F . -34.74 4.90 -11.34
C7 NAG F . -29.72 7.57 -14.96
C8 NAG F . -28.67 8.63 -15.09
N2 NAG F . -30.71 7.80 -14.09
O3 NAG F . -33.32 7.57 -15.26
O4 NAG F . -35.39 7.00 -13.45
O5 NAG F . -32.46 5.48 -11.80
O6 NAG F . -34.67 3.66 -12.05
O7 NAG F . -29.70 6.54 -15.64
C1 NAG F . -36.48 6.30 -13.97
C2 NAG F . -37.74 6.96 -13.44
C3 NAG F . -38.96 6.21 -13.97
C4 NAG F . -38.92 6.17 -15.51
C5 NAG F . -37.60 5.55 -15.97
C6 NAG F . -37.42 5.58 -17.48
C7 NAG F . -37.35 8.10 -11.27
C8 NAG F . -37.09 7.87 -9.80
N2 NAG F . -37.77 7.03 -11.99
O3 NAG F . -40.12 6.86 -13.47
O4 NAG F . -39.98 5.35 -16.06
O5 NAG F . -36.51 6.32 -15.41
O6 NAG F . -37.46 6.91 -17.97
O7 NAG F . -37.18 9.20 -11.77
C1 BMA F . -41.18 5.98 -16.41
C2 BMA F . -41.99 5.01 -17.26
C3 BMA F . -43.34 5.63 -17.66
C4 BMA F . -44.08 6.13 -16.41
C5 BMA F . -43.19 7.07 -15.58
C6 BMA F . -43.87 7.46 -14.30
O2 BMA F . -42.18 3.76 -16.59
O3 BMA F . -44.17 4.65 -18.33
O4 BMA F . -45.27 6.82 -16.81
O5 BMA F . -41.93 6.38 -15.24
O6 BMA F . -43.06 8.37 -13.51
C1 MAN F . -44.01 4.56 -19.72
C2 MAN F . -45.30 3.93 -20.25
C3 MAN F . -45.37 2.41 -19.86
C4 MAN F . -44.17 1.70 -20.43
C5 MAN F . -42.92 2.34 -19.85
C6 MAN F . -41.67 1.72 -20.46
O2 MAN F . -45.39 4.16 -21.66
O3 MAN F . -46.59 1.80 -20.33
O4 MAN F . -44.20 0.30 -20.12
O5 MAN F . -42.86 3.79 -20.13
O6 MAN F . -41.79 1.66 -21.91
C1 MAN F . -43.69 8.81 -12.32
C2 MAN F . -42.78 9.87 -11.70
C3 MAN F . -41.46 9.29 -11.13
C4 MAN F . -41.76 8.08 -10.20
C5 MAN F . -42.75 7.06 -10.86
C6 MAN F . -43.19 5.96 -9.88
O2 MAN F . -43.50 10.54 -10.65
O3 MAN F . -40.73 10.34 -10.44
O4 MAN F . -40.53 7.39 -9.86
O5 MAN F . -43.96 7.73 -11.41
O6 MAN F . -42.06 5.12 -9.44
C1 NAG G . -32.74 2.33 13.19
C2 NAG G . -33.13 1.51 14.43
C3 NAG G . -34.37 2.08 15.08
C4 NAG G . -34.15 3.55 15.41
C5 NAG G . -33.81 4.28 14.12
C6 NAG G . -33.50 5.75 14.34
C7 NAG G . -32.40 -0.81 14.32
C8 NAG G . -32.73 -2.21 13.88
N2 NAG G . -33.32 0.12 14.08
O3 NAG G . -34.66 1.33 16.25
O4 NAG G . -35.35 4.10 15.97
O5 NAG G . -32.62 3.70 13.54
O6 NAG G . -32.38 5.94 15.19
O7 NAG G . -31.34 -0.55 14.90
C1 NAG G . -35.39 4.21 17.35
C2 NAG G . -36.27 5.40 17.75
C3 NAG G . -36.62 5.34 19.22
C4 NAG G . -37.17 3.97 19.58
C5 NAG G . -36.13 2.91 19.23
C6 NAG G . -36.53 1.48 19.52
C7 NAG G . -35.86 7.42 16.44
C8 NAG G . -34.99 8.63 16.29
N2 NAG G . -35.57 6.63 17.49
O3 NAG G . -37.55 6.36 19.51
O4 NAG G . -37.47 3.94 20.97
O5 NAG G . -35.92 2.97 17.80
O6 NAG G . -37.53 1.04 18.58
O7 NAG G . -36.77 7.14 15.66
C1 BMA G . -38.70 3.37 21.32
C2 BMA G . -38.57 2.83 22.73
C3 BMA G . -39.86 2.12 23.06
C4 BMA G . -41.02 3.10 22.96
C5 BMA G . -41.06 3.66 21.53
C6 BMA G . -42.13 4.71 21.31
O2 BMA G . -38.25 3.86 23.65
O3 BMA G . -39.73 1.46 24.33
O4 BMA G . -42.27 2.45 23.22
O5 BMA G . -39.79 4.28 21.24
O6 BMA G . -41.79 5.96 21.92
C1 MAN G . -42.62 7.02 21.54
C2 MAN G . -41.99 8.29 22.12
C3 MAN G . -42.07 8.31 23.63
C4 MAN G . -43.47 7.99 24.14
C5 MAN G . -44.02 6.73 23.47
C6 MAN G . -45.48 6.47 23.81
O2 MAN G . -42.65 9.42 21.56
O3 MAN G . -41.66 9.60 24.09
O4 MAN G . -43.42 7.77 25.55
O5 MAN G . -43.94 6.86 22.04
O6 MAN G . -45.64 6.05 25.17
C1 MAN G . -40.51 9.65 24.89
C2 MAN G . -40.60 10.97 25.62
C3 MAN G . -40.46 12.14 24.67
C4 MAN G . -39.16 11.99 23.88
C5 MAN G . -39.18 10.65 23.16
C6 MAN G . -37.93 10.38 22.35
O2 MAN G . -39.58 11.01 26.62
O3 MAN G . -40.50 13.37 25.37
O4 MAN G . -39.01 13.05 22.94
O5 MAN G . -39.31 9.58 24.13
O6 MAN G . -38.10 9.23 21.54
C1 MAN G . -40.03 2.03 25.56
C2 MAN G . -38.76 1.82 26.39
C3 MAN G . -38.52 0.33 26.64
C4 MAN G . -39.78 -0.41 27.09
C5 MAN G . -41.00 -0.04 26.22
C6 MAN G . -42.31 -0.62 26.70
O2 MAN G . -38.82 2.57 27.60
O3 MAN G . -37.48 0.22 27.63
O4 MAN G . -39.58 -1.82 26.99
O5 MAN G . -41.15 1.39 26.18
O6 MAN G . -42.40 -2.01 26.40
C1 NAG H . 16.93 -32.47 -3.85
C2 NAG H . 15.64 -32.09 -4.57
C3 NAG H . 15.80 -32.33 -6.07
C4 NAG H . 17.08 -31.71 -6.61
C5 NAG H . 18.30 -32.06 -5.75
C6 NAG H . 19.54 -31.29 -6.15
C7 NAG H . 14.32 -34.00 -3.76
C8 NAG H . 13.51 -34.26 -2.52
N2 NAG H . 14.41 -32.72 -4.14
O3 NAG H . 14.68 -31.75 -6.73
O4 NAG H . 17.33 -32.26 -7.90
O5 NAG H . 18.00 -31.72 -4.39
O6 NAG H . 19.26 -29.92 -6.48
O7 NAG H . 14.87 -34.90 -4.39
C1 NAG H . 17.39 -31.36 -8.93
C2 NAG H . 18.38 -31.68 -10.05
C3 NAG H . 18.35 -30.57 -11.09
C4 NAG H . 16.91 -30.39 -11.54
C5 NAG H . 16.09 -29.92 -10.35
C6 NAG H . 14.63 -29.67 -10.68
C7 NAG H . 20.27 -33.15 -9.45
C8 NAG H . 21.73 -33.27 -9.77
N2 NAG H . 19.74 -31.92 -9.59
O3 NAG H . 19.22 -30.86 -12.15
O4 NAG H . 16.84 -29.42 -12.59
O5 NAG H . 16.11 -30.98 -9.37
O6 NAG H . 13.90 -30.88 -10.84
O7 NAG H . 19.61 -34.12 -9.09
C1 BMA H . 16.78 -29.90 -13.90
C2 BMA H . 16.25 -28.75 -14.75
C3 BMA H . 16.55 -28.90 -16.24
C4 BMA H . 17.99 -29.33 -16.43
C5 BMA H . 18.20 -30.64 -15.68
C6 BMA H . 19.55 -31.30 -15.89
O2 BMA H . 16.80 -27.53 -14.27
O3 BMA H . 16.30 -27.66 -16.92
O4 BMA H . 18.29 -29.50 -17.82
O5 BMA H . 18.08 -30.34 -14.28
O6 BMA H . 20.62 -30.38 -15.72
C1 MAN H . 15.13 -27.47 -17.64
C2 MAN H . 15.54 -26.69 -18.89
C3 MAN H . 15.98 -25.27 -18.52
C4 MAN H . 14.90 -24.55 -17.71
C5 MAN H . 14.49 -25.39 -16.49
C6 MAN H . 13.33 -24.81 -15.68
O2 MAN H . 14.50 -26.74 -19.86
O3 MAN H . 16.33 -24.53 -19.69
O4 MAN H . 15.39 -23.28 -17.26
O5 MAN H . 14.10 -26.73 -16.93
O6 MAN H . 12.44 -23.98 -16.43
C1 NAG I . 41.28 -32.52 5.07
C2 NAG I . 42.61 -31.80 5.24
C3 NAG I . 43.58 -32.22 4.14
C4 NAG I . 43.69 -33.73 4.09
C5 NAG I . 42.31 -34.34 3.91
C6 NAG I . 42.29 -35.85 3.83
C7 NAG I . 42.74 -29.52 6.22
C8 NAG I . 43.21 -28.16 5.80
N2 NAG I . 42.41 -30.36 5.23
O3 NAG I . 44.84 -31.60 4.35
O4 NAG I . 44.52 -34.14 3.01
O5 NAG I . 41.49 -33.94 5.03
O6 NAG I . 42.05 -36.45 5.11
O7 NAG I . 42.65 -29.84 7.40
C1 NAG I . 45.62 -34.91 3.39
C2 NAG I . 46.11 -35.73 2.19
C3 NAG I . 47.63 -35.78 2.00
C4 NAG I . 48.34 -34.55 2.56
C5 NAG I . 47.90 -34.40 4.02
C6 NAG I . 48.67 -33.40 4.84
C7 NAG I . 44.73 -37.66 1.47
C8 NAG I . 44.23 -39.03 1.83
N2 NAG I . 45.63 -37.11 2.29
O3 NAG I . 47.86 -35.91 0.61
O4 NAG I . 49.78 -34.68 2.48
O5 NAG I . 46.53 -33.95 3.92
O6 NAG I . 49.31 -32.43 4.04
O7 NAG I . 44.31 -37.07 0.48
C1 BMA I . 50.38 -35.16 1.32
C2 BMA I . 51.63 -34.37 0.96
C3 BMA I . 52.29 -34.95 -0.28
C4 BMA I . 52.56 -36.45 -0.11
C5 BMA I . 51.27 -37.19 0.31
C6 BMA I . 51.48 -38.64 0.67
O2 BMA I . 52.56 -34.33 2.04
O3 BMA I . 53.49 -34.24 -0.55
O4 BMA I . 53.03 -37.00 -1.34
O5 BMA I . 50.72 -36.56 1.48
O6 BMA I . 52.49 -39.26 -0.12
CHA HEM J . 2.71 24.79 -3.98
CHB HEM J . 0.25 28.46 -5.93
CHC HEM J . -2.75 28.40 -2.07
CHD HEM J . -0.37 24.59 -0.29
C1A HEM J . 2.26 25.78 -4.84
C2A HEM J . 2.84 26.06 -6.07
C3A HEM J . 2.16 27.10 -6.63
C4A HEM J . 1.16 27.47 -5.74
CMA HEM J . 2.45 27.73 -7.97
CAA HEM J . 4.03 25.34 -6.66
CBA HEM J . 5.29 26.03 -6.13
CGA HEM J . 6.56 25.48 -6.76
O1A HEM J . 6.72 24.34 -7.26
O2A HEM J . 7.52 26.27 -6.75
C1B HEM J . -0.75 28.74 -4.99
C2B HEM J . -1.63 29.83 -5.17
C3B HEM J . -2.49 29.83 -4.14
C4B HEM J . -2.10 28.72 -3.27
CMB HEM J . -1.69 30.78 -6.34
CAB HEM J . -3.52 30.87 -3.99
CBB HEM J . -4.04 31.17 -2.81
C1C HEM J . -2.40 27.33 -1.24
C2C HEM J . -3.08 26.90 -0.09
C3C HEM J . -2.35 25.82 0.40
C4C HEM J . -1.29 25.60 -0.48
CMC HEM J . -4.32 27.54 0.49
CAC HEM J . -2.61 24.91 1.52
CBC HEM J . -3.85 24.73 1.93
C1D HEM J . 0.67 24.38 -1.17
C2D HEM J . 1.70 23.38 -0.89
C3D HEM J . 2.56 23.42 -1.93
C4D HEM J . 2.06 24.48 -2.81
CMD HEM J . 1.82 22.44 0.30
CAD HEM J . 3.80 22.61 -2.12
CBD HEM J . 3.61 21.30 -2.89
CGD HEM J . 4.92 20.49 -2.93
O1D HEM J . 6.04 21.06 -2.87
O2D HEM J . 4.89 19.24 -2.99
NA HEM J . 1.21 26.64 -4.64
NB HEM J . -1.06 28.12 -3.87
NC HEM J . -1.33 26.54 -1.45
ND HEM J . 0.93 25.02 -2.32
FE HEM J . -0.08 26.45 -3.11
C1 D12 K . 6.91 35.76 4.59
C2 D12 K . 6.23 36.23 3.31
C3 D12 K . 5.04 35.42 2.88
C4 D12 K . 4.62 35.63 1.44
C5 D12 K . 5.15 34.62 0.45
C6 D12 K . 4.83 34.92 -1.00
C7 D12 K . 4.16 33.77 -1.75
C8 D12 K . 2.82 33.31 -1.20
C9 D12 K . 2.81 31.91 -0.57
C10 D12 K . 3.01 30.74 -1.54
C11 D12 K . 1.80 29.85 -1.80
C12 D12 K . 2.08 28.37 -1.89
N1 EPE L . -18.42 26.86 -10.78
C2 EPE L . -18.37 26.92 -12.26
C3 EPE L . -17.64 28.16 -12.71
N4 EPE L . -18.26 29.40 -12.22
C5 EPE L . -18.48 29.33 -10.75
C6 EPE L . -19.17 28.05 -10.31
C7 EPE L . -17.49 30.58 -12.67
C8 EPE L . -16.05 30.28 -13.16
O8 EPE L . -15.15 31.37 -13.17
C9 EPE L . -18.99 25.58 -10.31
C10 EPE L . -18.04 24.38 -10.48
S EPE L . -18.07 23.51 -12.04
O1S EPE L . -19.16 24.07 -12.79
O2S EPE L . -18.10 22.12 -11.69
O3S EPE L . -16.78 23.78 -12.91
N1 EPE M . 15.75 46.63 0.19
C2 EPE M . 16.80 46.72 1.23
C3 EPE M . 18.20 46.65 0.66
N4 EPE M . 18.31 47.40 -0.62
C5 EPE M . 17.44 46.78 -1.63
C6 EPE M . 16.31 46.00 -1.02
C7 EPE M . 19.70 47.50 -1.07
C8 EPE M . 20.77 47.02 -0.10
O8 EPE M . 22.00 46.79 -0.76
C9 EPE M . 14.53 45.90 0.69
C10 EPE M . 14.34 45.89 2.21
S EPE M . 12.69 45.60 2.78
O1S EPE M . 12.81 44.94 4.06
O2S EPE M . 12.01 44.92 1.72
O3S EPE M . 12.13 47.03 2.96
C1 GOL N . 23.01 31.33 -12.59
O1 GOL N . 21.98 32.19 -13.06
C2 GOL N . 22.97 31.19 -11.07
O2 GOL N . 24.11 30.46 -10.65
C3 GOL N . 22.91 32.50 -10.33
O3 GOL N . 23.23 32.36 -8.94
C1 GOL O . -9.68 53.55 -23.83
O1 GOL O . -10.20 52.72 -24.85
C2 GOL O . -9.20 52.74 -22.64
O2 GOL O . -8.56 53.63 -21.72
C3 GOL O . -10.32 51.97 -21.96
O3 GOL O . -9.86 51.05 -20.97
S SO4 P . 7.37 33.20 10.54
O1 SO4 P . 7.93 34.46 10.95
O2 SO4 P . 7.03 32.42 11.72
O3 SO4 P . 6.20 33.42 9.73
O4 SO4 P . 8.35 32.49 9.75
S SO4 Q . 19.59 11.61 3.47
O1 SO4 Q . 19.59 13.06 3.57
O2 SO4 Q . 19.61 11.03 4.79
O3 SO4 Q . 18.44 11.13 2.77
O4 SO4 Q . 20.78 11.19 2.78
MG MG R . 8.18 22.75 -7.73
CHA HEM S . -24.24 -6.37 -5.66
CHB HEM S . -21.52 -10.02 -7.24
CHC HEM S . -19.09 -9.88 -3.03
CHD HEM S . -21.71 -6.14 -1.61
C1A HEM S . -23.67 -7.36 -6.42
C2A HEM S . -24.13 -7.69 -7.71
C3A HEM S . -23.36 -8.72 -8.16
C4A HEM S . -22.45 -9.04 -7.16
CMA HEM S . -23.50 -9.40 -9.49
CAA HEM S . -25.25 -7.03 -8.50
CBA HEM S . -26.58 -7.57 -8.03
CGA HEM S . -27.71 -7.19 -8.97
O1A HEM S . -27.84 -6.07 -9.58
O2A HEM S . -28.56 -8.12 -9.12
C1B HEM S . -20.65 -10.28 -6.18
C2B HEM S . -19.73 -11.36 -6.24
C3B HEM S . -19.02 -11.35 -5.10
C4B HEM S . -19.56 -10.22 -4.29
CMB HEM S . -19.52 -12.32 -7.39
CAB HEM S . -18.00 -12.38 -4.77
CBB HEM S . -17.67 -12.67 -3.52
C1C HEM S . -19.55 -8.84 -2.27
C2C HEM S . -19.00 -8.37 -1.07
C3C HEM S . -19.79 -7.32 -0.66
C4C HEM S . -20.77 -7.12 -1.67
CMC HEM S . -17.84 -8.99 -0.33
CAC HEM S . -19.66 -6.41 0.49
CBC HEM S . -18.46 -6.20 1.02
C1D HEM S . -22.65 -5.95 -2.63
C2D HEM S . -23.70 -4.94 -2.49
C3D HEM S . -24.40 -4.99 -3.62
C4D HEM S . -23.77 -6.04 -4.41
CMD HEM S . -23.96 -4.01 -1.35
CAD HEM S . -25.59 -4.14 -3.93
CBD HEM S . -25.26 -2.90 -4.75
CGD HEM S . -26.53 -2.10 -5.00
O1D HEM S . -27.61 -2.67 -5.21
O2D HEM S . -26.52 -0.87 -4.99
NA HEM S . -22.63 -8.19 -6.09
NB HEM S . -20.51 -9.65 -5.03
NC HEM S . -20.59 -8.07 -2.63
ND HEM S . -22.71 -6.59 -3.78
FE HEM S . -21.59 -8.01 -4.42
N1 EPE T . -35.77 -28.06 -2.59
C2 EPE T . -36.01 -26.75 -1.96
C3 EPE T . -35.00 -26.48 -0.88
N4 EPE T . -35.07 -27.48 0.18
C5 EPE T . -34.80 -28.80 -0.44
C6 EPE T . -35.78 -29.10 -1.53
C7 EPE T . -34.15 -27.20 1.29
C8 EPE T . -33.42 -25.87 1.28
O8 EPE T . -34.05 -24.90 2.11
C9 EPE T . -36.76 -28.33 -3.65
C10 EPE T . -38.17 -27.86 -3.27
S EPE T . -39.47 -28.62 -4.23
O1S EPE T . -39.26 -28.20 -5.59
O2S EPE T . -40.69 -28.33 -3.55
O3S EPE T . -39.20 -30.13 -4.04
C1 D12 U . -24.11 -9.80 -3.68
C2 D12 U . -23.14 -10.91 -3.42
C3 D12 U . -23.83 -12.23 -3.37
C4 D12 U . -23.70 -12.98 -2.04
C5 D12 U . -24.22 -14.42 -2.03
C6 D12 U . -25.20 -14.78 -3.15
C7 D12 U . -26.39 -15.62 -2.74
C8 D12 U . -26.25 -16.30 -1.40
C9 D12 U . -27.52 -16.89 -0.86
C10 D12 U . -27.74 -16.67 0.62
C11 D12 U . -27.93 -17.93 1.43
C12 D12 U . -27.10 -18.03 2.69
C1 GOL V . -20.76 -4.66 -21.98
O1 GOL V . -19.97 -5.83 -21.85
C2 GOL V . -21.14 -4.07 -20.62
O2 GOL V . -20.37 -2.89 -20.39
C3 GOL V . -22.60 -3.76 -20.47
O3 GOL V . -22.93 -2.50 -21.08
N1 EPE W . -14.69 6.94 -13.32
C2 EPE W . -15.37 5.96 -12.44
C3 EPE W . -16.87 6.01 -12.61
N4 EPE W . -17.25 6.29 -14.00
C5 EPE W . -16.80 7.66 -14.37
C6 EPE W . -15.58 8.08 -13.58
C7 EPE W . -18.68 6.10 -14.21
C8 EPE W . -19.03 4.87 -15.03
O8 EPE W . -19.34 3.76 -14.22
C9 EPE W . -13.38 7.37 -12.79
C10 EPE W . -13.28 7.27 -11.26
S EPE W . -11.64 7.12 -10.63
O1S EPE W . -11.70 5.94 -9.81
O2S EPE W . -11.30 8.39 -10.05
O3S EPE W . -10.70 6.99 -11.85
C1 GOL X . -43.80 -14.73 -13.30
O1 GOL X . -44.62 -13.94 -12.43
C2 GOL X . -43.15 -13.86 -14.35
O2 GOL X . -42.23 -14.65 -15.12
C3 GOL X . -44.15 -13.19 -15.27
O3 GOL X . -43.60 -12.93 -16.56
C1 GOL Y . -14.96 -32.43 -1.02
O1 GOL Y . -14.27 -31.28 -1.51
C2 GOL Y . -16.45 -32.18 -0.81
O2 GOL Y . -16.62 -31.19 0.21
C3 GOL Y . -17.24 -33.42 -0.46
O3 GOL Y . -16.99 -34.49 -1.36
S SO4 Z . -42.16 6.69 -0.91
O1 SO4 Z . -40.89 7.36 -0.79
O2 SO4 Z . -42.41 5.87 0.26
O3 SO4 Z . -43.20 7.68 -1.03
O4 SO4 Z . -42.14 5.85 -2.07
S SO4 AA . -30.58 -14.57 8.62
O1 SO4 AA . -29.20 -15.01 8.65
O2 SO4 AA . -31.44 -15.69 8.93
O3 SO4 AA . -30.77 -13.53 9.61
O4 SO4 AA . -30.91 -14.09 7.29
S SO4 BA . -0.42 -2.19 -6.68
O1 SO4 BA . -0.21 -1.36 -5.51
O2 SO4 BA . 0.55 -3.27 -6.68
O3 SO4 BA . -1.74 -2.75 -6.64
O4 SO4 BA . -0.26 -1.40 -7.88
MG MG CA . -28.91 -4.51 -10.76
CHA HEM DA . 21.48 -22.33 7.83
CHB HEM DA . 19.33 -19.06 10.66
CHC HEM DA . 22.30 -20.30 14.30
CHD HEM DA . 24.18 -23.74 11.54
C1A HEM DA . 20.65 -21.33 8.30
C2A HEM DA . 19.66 -20.73 7.53
C3A HEM DA . 19.05 -19.81 8.32
C4A HEM DA . 19.67 -19.85 9.59
CMA HEM DA . 17.91 -18.91 7.92
CAA HEM DA . 19.29 -21.04 6.08
CBA HEM DA . 20.30 -20.38 5.13
CGA HEM DA . 19.91 -20.50 3.66
O1A HEM DA . 19.44 -21.53 3.07
O2A HEM DA . 20.08 -19.46 2.99
C1B HEM DA . 19.99 -19.13 11.88
C2B HEM DA . 19.68 -18.23 12.92
C3B HEM DA . 20.50 -18.55 13.96
C4B HEM DA . 21.34 -19.67 13.50
CMB HEM DA . 18.63 -17.14 12.92
CAB HEM DA . 20.49 -17.80 15.22
CBB HEM DA . 21.54 -17.80 16.04
C1C HEM DA . 23.06 -21.37 13.91
C2C HEM DA . 23.94 -22.10 14.72
C3C HEM DA . 24.49 -23.09 13.89
C4C HEM DA . 23.89 -22.94 12.61
CMC HEM DA . 24.25 -21.83 16.18
CAC HEM DA . 25.43 -24.20 14.21
CBC HEM DA . 25.57 -24.62 15.46
C1D HEM DA . 23.58 -23.60 10.30
C2D HEM DA . 24.01 -24.42 9.14
C3D HEM DA . 23.27 -24.02 8.11
C4D HEM DA . 22.39 -22.96 8.65
CMD HEM DA . 25.08 -25.48 9.08
CAD HEM DA . 23.34 -24.54 6.70
CBD HEM DA . 22.37 -25.70 6.47
CGD HEM DA . 22.53 -26.21 5.05
O1D HEM DA . 23.14 -25.54 4.17
O2D HEM DA . 22.05 -27.34 4.80
NA HEM DA . 20.64 -20.79 9.56
NB HEM DA . 20.96 -19.96 12.26
NC HEM DA . 23.03 -21.90 12.65
ND HEM DA . 22.62 -22.74 9.95
FE HEM DA . 21.77 -21.46 11.05
N1 EPE EA . 7.64 -25.98 24.70
C2 EPE EA . 7.66 -26.14 26.16
C3 EPE EA . 9.00 -25.71 26.72
N4 EPE EA . 10.11 -26.48 26.17
C5 EPE EA . 10.03 -26.40 24.71
C6 EPE EA . 8.69 -26.84 24.17
C7 EPE EA . 11.43 -26.00 26.61
C8 EPE EA . 11.59 -24.49 26.74
O8 EPE EA . 12.95 -24.09 26.78
C9 EPE EA . 6.34 -26.25 24.05
C10 EPE EA . 5.27 -26.80 24.98
S EPE EA . 3.67 -26.88 24.22
O1S EPE EA . 3.86 -26.94 22.79
O2S EPE EA . 2.88 -25.83 24.78
O3S EPE EA . 3.19 -28.26 24.77
C1 GOL FA . 6.99 -23.06 3.19
O1 GOL FA . 6.27 -24.29 3.25
C2 GOL FA . 6.67 -22.14 4.36
O2 GOL FA . 6.65 -20.80 3.88
C3 GOL FA . 5.37 -22.44 5.09
O3 GOL FA . 4.79 -21.26 5.63
C ACT GA . 24.15 -18.29 9.84
O ACT GA . 24.58 -18.44 8.68
OXT ACT GA . 24.23 -17.22 10.47
CH3 ACT GA . 23.53 -19.51 10.51
N1 EPE HA . 32.16 -0.42 3.16
C2 EPE HA . 31.39 -1.48 3.80
C3 EPE HA . 31.89 -1.77 5.20
N4 EPE HA . 33.30 -2.16 5.20
C5 EPE HA . 34.05 -1.02 4.66
C6 EPE HA . 33.60 -0.74 3.24
C7 EPE HA . 33.77 -2.56 6.54
C8 EPE HA . 33.87 -4.07 6.80
O8 EPE HA . 34.50 -4.85 5.79
C9 EPE HA . 31.75 -0.22 1.76
C10 EPE HA . 30.66 0.81 1.52
S EPE HA . 30.74 1.50 -0.11
O1S EPE HA . 31.80 0.82 -0.81
O2S EPE HA . 30.82 2.92 0.05
O3S EPE HA . 29.37 1.13 -0.73
C1 D12 IA . 35.92 -7.47 10.27
C2 D12 IA . 35.15 -8.77 10.22
C3 D12 IA . 35.80 -9.89 9.42
C4 D12 IA . 35.60 -11.32 9.97
C5 D12 IA . 35.18 -12.36 8.94
C6 D12 IA . 33.81 -12.14 8.30
C7 D12 IA . 32.64 -12.11 9.28
C8 D12 IA . 31.43 -11.33 8.80
C9 D12 IA . 30.10 -12.06 8.88
C10 D12 IA . 29.73 -12.59 10.25
C11 D12 IA . 28.25 -12.53 10.65
C12 D12 IA . 27.21 -12.76 9.56
C1 GOL JA . 21.22 -11.10 -11.47
O1 GOL JA . 19.80 -11.19 -11.58
C2 GOL JA . 21.62 -9.68 -11.12
O2 GOL JA . 20.90 -9.31 -9.95
C3 GOL JA . 23.12 -9.50 -10.92
O3 GOL JA . 23.53 -8.14 -11.06
S SO4 KA . 38.20 -16.17 9.20
O1 SO4 KA . 38.52 -14.87 8.67
O2 SO4 KA . 39.34 -17.04 9.09
O3 SO4 KA . 37.09 -16.70 8.47
O4 SO4 KA . 37.85 -16.04 10.59
S SO4 LA . 31.56 -33.13 -9.43
O1 SO4 LA . 32.20 -31.86 -9.20
O2 SO4 LA . 32.32 -34.16 -8.79
O3 SO4 LA . 30.22 -33.12 -8.89
O4 SO4 LA . 31.50 -33.38 -10.85
MG MG MA . 18.51 -22.67 1.46
#